data_5FGW
#
_entry.id   5FGW
#
_cell.length_a   51.104
_cell.length_b   66.538
_cell.length_c   83.536
_cell.angle_alpha   108.72
_cell.angle_beta   90.01
_cell.angle_gamma   92.36
#
_symmetry.space_group_name_H-M   'P 1'
#
loop_
_entity.id
_entity.type
_entity.pdbx_description
1 polymer 'Extracellular streptodornase D'
2 non-polymer 'ZINC ION'
3 non-polymer 'CHLORIDE ION'
4 non-polymer 'ACETATE ION'
5 non-polymer 'SODIUM ION'
6 non-polymer 1,2-ETHANEDIOL
7 water water
#
_entity_poly.entity_id   1
_entity_poly.type   'polypeptide(L)'
_entity_poly.pdbx_seq_one_letter_code
;GSAAAESGTISNNWSIEQHPNYYHVEGKAQLDIKNFPELYRTTERVYKKSGQSTKPVTVSNIHYSVLDGYGRSGEAYGII
TKDMIDMSAGYREKWESKPEPSGWYSYFFKNTNQRATESDYKHSPKNVSKISNNIKASILLSNGNVRNGYLFDRSGLIAD
SLGGRPFRNNLITGTRTQNVGNNDRKGGMQYIENKVLDHIKRNPKVHVYYKATPVYQGSELLPRAVLVSALSSDGFIDET
VRVFNNVAGFNIDYQNGGLLSS
;
_entity_poly.pdbx_strand_id   A,B,C,D
#
# COMPACT_ATOMS: atom_id res chain seq x y z
N TRP A 14 -16.54 -10.95 -7.14
CA TRP A 14 -16.13 -10.67 -5.77
C TRP A 14 -15.60 -9.25 -5.63
N SER A 15 -15.93 -8.63 -4.50
CA SER A 15 -15.53 -7.26 -4.20
C SER A 15 -14.79 -7.20 -2.86
N ILE A 16 -13.51 -6.84 -2.90
CA ILE A 16 -12.72 -6.67 -1.69
C ILE A 16 -13.35 -5.61 -0.82
N GLU A 17 -13.99 -4.64 -1.46
CA GLU A 17 -14.67 -3.57 -0.76
C GLU A 17 -15.95 -4.09 -0.10
N GLN A 18 -16.81 -4.72 -0.90
CA GLN A 18 -18.07 -5.22 -0.38
C GLN A 18 -17.87 -6.38 0.60
N HIS A 19 -16.91 -7.25 0.28
CA HIS A 19 -16.71 -8.46 1.07
C HIS A 19 -15.24 -8.73 1.34
N PRO A 20 -14.66 -8.00 2.31
CA PRO A 20 -13.23 -8.09 2.66
C PRO A 20 -12.88 -9.39 3.36
N ASN A 21 -13.88 -10.05 3.94
CA ASN A 21 -13.69 -11.34 4.62
C ASN A 21 -13.94 -12.56 3.74
N TYR A 22 -14.12 -12.32 2.45
CA TYR A 22 -14.24 -13.37 1.43
C TYR A 22 -15.52 -14.22 1.56
N TYR A 23 -16.54 -13.67 2.23
CA TYR A 23 -17.86 -14.26 2.14
C TYR A 23 -18.98 -13.20 2.19
N HIS A 24 -20.15 -13.63 1.75
CA HIS A 24 -21.35 -12.80 1.67
C HIS A 24 -22.51 -13.61 2.23
N VAL A 25 -23.21 -13.08 3.22
CA VAL A 25 -24.36 -13.78 3.77
C VAL A 25 -25.51 -13.64 2.80
N GLU A 26 -26.01 -14.77 2.31
CA GLU A 26 -26.96 -14.77 1.20
C GLU A 26 -28.42 -14.89 1.60
N GLY A 27 -28.66 -15.36 2.82
CA GLY A 27 -30.02 -15.63 3.26
C GLY A 27 -30.05 -16.74 4.27
N LYS A 28 -31.22 -17.34 4.43
CA LYS A 28 -31.42 -18.43 5.37
C LYS A 28 -30.75 -19.72 4.89
N ALA A 29 -30.76 -20.74 5.74
CA ALA A 29 -30.14 -22.03 5.40
C ALA A 29 -30.80 -22.63 4.18
N GLN A 30 -32.13 -22.58 4.16
CA GLN A 30 -32.89 -23.02 3.00
C GLN A 30 -32.53 -24.47 2.68
N LEU A 31 -32.62 -25.33 3.69
CA LEU A 31 -32.29 -26.74 3.53
C LEU A 31 -33.52 -27.62 3.59
N ASP A 32 -33.46 -28.74 2.87
CA ASP A 32 -34.48 -29.76 2.93
C ASP A 32 -33.98 -30.87 3.84
N ILE A 33 -34.23 -30.71 5.14
CA ILE A 33 -33.75 -31.63 6.16
C ILE A 33 -34.06 -33.09 5.83
N LYS A 34 -35.14 -33.30 5.08
CA LYS A 34 -35.55 -34.64 4.68
C LYS A 34 -34.47 -35.36 3.89
N ASN A 35 -33.77 -34.61 3.03
CA ASN A 35 -32.76 -35.20 2.15
C ASN A 35 -31.44 -35.57 2.84
N PHE A 36 -31.33 -35.29 4.13
CA PHE A 36 -30.04 -35.46 4.80
C PHE A 36 -29.82 -36.89 5.31
N PRO A 37 -28.56 -37.32 5.36
CA PRO A 37 -28.23 -38.62 5.95
C PRO A 37 -28.68 -38.65 7.40
N GLU A 38 -29.22 -39.77 7.86
CA GLU A 38 -29.89 -39.79 9.14
C GLU A 38 -28.91 -39.87 10.30
N LEU A 39 -29.29 -39.24 11.41
CA LEU A 39 -28.60 -39.44 12.66
C LEU A 39 -28.80 -40.87 13.12
N TYR A 40 -27.76 -41.46 13.69
CA TYR A 40 -27.92 -42.75 14.32
C TYR A 40 -26.97 -42.89 15.48
N ARG A 41 -27.25 -43.89 16.31
CA ARG A 41 -26.47 -44.21 17.50
C ARG A 41 -25.59 -45.43 17.24
N THR A 42 -24.28 -45.27 17.41
CA THR A 42 -23.33 -46.38 17.24
C THR A 42 -22.20 -46.22 18.26
N THR A 43 -21.02 -46.76 17.93
CA THR A 43 -19.84 -46.60 18.78
C THR A 43 -18.66 -46.00 18.03
N GLU A 44 -17.80 -45.32 18.77
CA GLU A 44 -16.61 -44.67 18.24
C GLU A 44 -15.83 -45.62 17.35
N ARG A 45 -15.85 -46.90 17.70
CA ARG A 45 -15.10 -47.93 16.97
C ARG A 45 -15.73 -48.23 15.62
N VAL A 46 -17.04 -48.39 15.61
CA VAL A 46 -17.77 -48.78 14.40
C VAL A 46 -17.77 -47.61 13.40
N TYR A 47 -17.68 -46.40 13.93
CA TYR A 47 -17.71 -45.20 13.10
C TYR A 47 -16.32 -44.80 12.61
N LYS A 48 -15.41 -44.54 13.54
CA LYS A 48 -14.08 -44.01 13.21
C LYS A 48 -13.18 -45.05 12.53
N LYS A 49 -13.44 -46.33 12.81
CA LYS A 49 -12.61 -47.43 12.32
C LYS A 49 -11.19 -47.33 12.89
N SER A 50 -11.10 -46.96 14.16
CA SER A 50 -9.81 -46.86 14.83
C SER A 50 -9.99 -46.99 16.33
N GLY A 51 -8.98 -47.56 16.98
CA GLY A 51 -9.01 -47.78 18.41
C GLY A 51 -10.06 -48.78 18.82
N GLN A 52 -10.11 -49.08 20.11
CA GLN A 52 -11.12 -49.98 20.66
C GLN A 52 -12.11 -49.21 21.51
N SER A 53 -12.43 -47.99 21.06
CA SER A 53 -13.32 -47.11 21.80
C SER A 53 -14.75 -47.59 21.68
N THR A 54 -15.28 -48.19 22.74
CA THR A 54 -16.65 -48.68 22.74
C THR A 54 -17.62 -47.57 23.13
N LYS A 55 -17.08 -46.37 23.36
CA LYS A 55 -17.90 -45.22 23.74
C LYS A 55 -19.04 -45.07 22.73
N PRO A 56 -20.28 -44.98 23.22
CA PRO A 56 -21.40 -44.80 22.30
C PRO A 56 -21.43 -43.38 21.74
N VAL A 57 -21.79 -43.24 20.46
CA VAL A 57 -21.74 -41.94 19.81
C VAL A 57 -22.95 -41.72 18.90
N THR A 58 -23.43 -40.49 18.87
CA THR A 58 -24.44 -40.08 17.90
C THR A 58 -23.77 -39.34 16.75
N VAL A 59 -24.00 -39.83 15.54
CA VAL A 59 -23.32 -39.32 14.36
C VAL A 59 -24.25 -39.39 13.16
N SER A 60 -23.81 -38.83 12.04
CA SER A 60 -24.39 -39.15 10.75
C SER A 60 -23.25 -39.41 9.77
N ASN A 61 -23.53 -40.21 8.74
CA ASN A 61 -22.57 -40.46 7.68
C ASN A 61 -22.69 -39.37 6.63
N ILE A 62 -21.65 -38.54 6.53
CA ILE A 62 -21.68 -37.42 5.62
C ILE A 62 -21.77 -37.94 4.19
N HIS A 63 -22.66 -37.34 3.42
N HIS A 63 -22.59 -37.29 3.37
CA HIS A 63 -22.78 -37.67 2.01
CA HIS A 63 -22.80 -37.70 1.98
C HIS A 63 -21.70 -36.84 1.29
C HIS A 63 -21.92 -36.91 1.01
N TYR A 64 -20.78 -37.51 0.55
CA TYR A 64 -19.86 -36.83 -0.36
C TYR A 64 -20.28 -37.10 -1.81
N SER A 65 -20.04 -36.14 -2.70
CA SER A 65 -20.37 -36.34 -4.10
C SER A 65 -19.27 -37.10 -4.82
N VAL A 66 -19.65 -37.97 -5.75
CA VAL A 66 -18.71 -38.52 -6.71
C VAL A 66 -18.24 -37.36 -7.58
N LEU A 67 -17.06 -37.47 -8.16
CA LEU A 67 -16.58 -36.43 -9.06
C LEU A 67 -17.40 -36.45 -10.35
N ASP A 68 -17.51 -35.31 -11.01
CA ASP A 68 -18.19 -35.27 -12.32
C ASP A 68 -17.23 -35.71 -13.43
N GLY A 69 -17.68 -35.63 -14.67
CA GLY A 69 -16.88 -36.07 -15.80
C GLY A 69 -15.59 -35.28 -16.02
N TYR A 70 -15.55 -34.06 -15.52
CA TYR A 70 -14.33 -33.24 -15.64
C TYR A 70 -13.37 -33.48 -14.49
N GLY A 71 -13.81 -34.29 -13.53
CA GLY A 71 -13.02 -34.56 -12.35
C GLY A 71 -13.24 -33.55 -11.24
N ARG A 72 -14.30 -32.75 -11.36
CA ARG A 72 -14.60 -31.72 -10.35
C ARG A 72 -15.34 -32.26 -9.14
N SER A 73 -15.00 -31.74 -7.97
CA SER A 73 -15.66 -32.12 -6.72
C SER A 73 -17.00 -31.44 -6.65
N GLY A 74 -17.95 -32.13 -6.02
CA GLY A 74 -19.30 -31.62 -5.87
C GLY A 74 -19.70 -31.50 -4.41
N GLU A 75 -20.98 -31.24 -4.19
CA GLU A 75 -21.47 -30.87 -2.87
C GLU A 75 -21.36 -32.01 -1.87
N ALA A 76 -21.18 -31.62 -0.61
CA ALA A 76 -21.16 -32.57 0.49
C ALA A 76 -22.10 -32.05 1.55
N TYR A 77 -22.71 -32.96 2.30
CA TYR A 77 -23.64 -32.55 3.35
C TYR A 77 -23.87 -33.65 4.36
N GLY A 78 -24.01 -33.23 5.62
CA GLY A 78 -24.25 -34.16 6.69
C GLY A 78 -24.92 -33.47 7.86
N ILE A 79 -25.11 -34.21 8.94
CA ILE A 79 -25.57 -33.66 10.19
C ILE A 79 -24.41 -33.73 11.16
N ILE A 80 -23.99 -32.58 11.67
CA ILE A 80 -22.79 -32.50 12.46
C ILE A 80 -23.20 -32.56 13.93
N THR A 81 -22.53 -33.44 14.68
CA THR A 81 -22.82 -33.65 16.09
C THR A 81 -21.57 -33.40 16.92
N LYS A 82 -21.76 -33.09 18.19
CA LYS A 82 -20.65 -32.87 19.13
C LYS A 82 -19.71 -34.06 19.15
N ASP A 83 -20.27 -35.26 19.03
CA ASP A 83 -19.44 -36.46 19.05
C ASP A 83 -18.53 -36.54 17.84
N MET A 84 -19.02 -36.14 16.68
CA MET A 84 -18.19 -36.14 15.48
C MET A 84 -17.02 -35.17 15.66
N ILE A 85 -17.32 -33.98 16.17
CA ILE A 85 -16.30 -32.98 16.49
C ILE A 85 -15.25 -33.52 17.47
N ASP A 86 -15.73 -34.18 18.53
CA ASP A 86 -14.84 -34.73 19.54
C ASP A 86 -13.89 -35.77 18.98
N MET A 87 -14.39 -36.65 18.13
CA MET A 87 -13.55 -37.67 17.52
C MET A 87 -12.53 -37.12 16.54
N SER A 88 -12.87 -36.01 15.87
CA SER A 88 -11.93 -35.37 14.95
C SER A 88 -10.94 -34.49 15.70
N ALA A 89 -11.32 -34.01 16.88
CA ALA A 89 -10.42 -33.18 17.68
C ALA A 89 -9.22 -33.98 18.17
N GLY A 90 -9.46 -35.23 18.56
CA GLY A 90 -8.41 -36.06 19.13
C GLY A 90 -7.58 -36.79 18.10
N TYR A 91 -8.25 -37.22 17.03
CA TYR A 91 -7.65 -38.10 16.03
C TYR A 91 -7.51 -37.37 14.68
N ARG A 92 -6.50 -37.75 13.89
CA ARG A 92 -6.37 -37.24 12.53
C ARG A 92 -6.05 -38.35 11.57
N GLU A 93 -6.61 -38.22 10.37
CA GLU A 93 -6.38 -39.17 9.31
C GLU A 93 -5.43 -38.58 8.28
N LYS A 94 -4.48 -39.40 7.85
CA LYS A 94 -3.56 -39.04 6.79
C LYS A 94 -4.36 -38.72 5.53
N TRP A 95 -3.78 -37.90 4.65
CA TRP A 95 -4.36 -37.65 3.33
C TRP A 95 -4.49 -38.96 2.55
N GLU A 96 -5.67 -39.24 2.01
CA GLU A 96 -5.80 -40.36 1.09
C GLU A 96 -4.98 -40.02 -0.16
N SER A 97 -4.50 -41.04 -0.85
N SER A 97 -4.50 -41.05 -0.85
CA SER A 97 -3.53 -40.85 -1.93
CA SER A 97 -3.54 -40.87 -1.94
C SER A 97 -4.02 -39.92 -3.02
C SER A 97 -4.04 -39.90 -3.00
N LYS A 98 -3.18 -38.95 -3.38
CA LYS A 98 -3.50 -37.97 -4.41
C LYS A 98 -4.84 -37.27 -4.18
N PRO A 99 -4.94 -36.47 -3.10
CA PRO A 99 -6.19 -35.77 -2.80
C PRO A 99 -6.42 -34.51 -3.64
N GLU A 100 -5.41 -34.08 -4.38
CA GLU A 100 -5.49 -32.79 -5.08
C GLU A 100 -6.69 -32.72 -6.04
N PRO A 101 -7.63 -31.80 -5.79
CA PRO A 101 -8.81 -31.74 -6.64
C PRO A 101 -8.57 -31.06 -7.99
N SER A 102 -9.66 -30.83 -8.73
CA SER A 102 -9.53 -30.41 -10.12
C SER A 102 -8.92 -29.04 -10.19
N GLY A 103 -8.18 -28.81 -11.27
CA GLY A 103 -7.48 -27.56 -11.49
C GLY A 103 -6.19 -27.41 -10.72
N TRP A 104 -5.82 -28.41 -9.94
CA TRP A 104 -4.65 -28.27 -9.10
C TRP A 104 -3.41 -28.25 -9.96
N TYR A 105 -3.44 -29.05 -11.02
CA TYR A 105 -2.36 -29.14 -12.00
C TYR A 105 -2.87 -28.76 -13.37
N SER A 106 -1.94 -28.29 -14.22
CA SER A 106 -2.20 -28.17 -15.64
C SER A 106 -1.52 -29.34 -16.36
N TYR A 107 -2.06 -29.73 -17.50
CA TYR A 107 -1.47 -30.79 -18.32
C TYR A 107 -1.26 -30.26 -19.73
N PHE A 108 -0.15 -30.66 -20.36
CA PHE A 108 0.15 -30.27 -21.73
C PHE A 108 0.68 -31.44 -22.54
N PHE A 109 0.19 -31.57 -23.78
CA PHE A 109 0.75 -32.53 -24.71
C PHE A 109 2.19 -32.16 -25.03
N LYS A 110 3.12 -33.05 -24.77
CA LYS A 110 4.48 -32.81 -25.15
C LYS A 110 4.69 -32.51 -26.65
N ASN A 111 3.96 -33.18 -27.47
CA ASN A 111 4.16 -33.03 -28.91
C ASN A 111 3.78 -31.64 -29.41
N THR A 112 2.71 -31.09 -28.85
CA THR A 112 2.16 -29.83 -29.33
C THR A 112 2.42 -28.65 -28.39
N ASN A 113 2.75 -28.95 -27.15
CA ASN A 113 2.75 -27.94 -26.08
C ASN A 113 1.35 -27.36 -25.92
N GLN A 114 0.36 -28.06 -26.47
CA GLN A 114 -1.04 -27.68 -26.36
C GLN A 114 -1.60 -28.25 -25.07
N ARG A 115 -2.48 -27.49 -24.42
CA ARG A 115 -3.03 -27.89 -23.13
C ARG A 115 -3.82 -29.20 -23.26
N ALA A 116 -3.70 -30.05 -22.25
CA ALA A 116 -4.43 -31.32 -22.20
C ALA A 116 -5.28 -31.37 -20.94
N THR A 117 -5.97 -32.49 -20.73
CA THR A 117 -6.80 -32.67 -19.55
C THR A 117 -6.20 -33.75 -18.66
N GLU A 118 -6.69 -33.80 -17.42
CA GLU A 118 -6.25 -34.81 -16.46
C GLU A 118 -6.48 -36.21 -17.02
N SER A 119 -7.61 -36.39 -17.69
CA SER A 119 -7.93 -37.65 -18.35
C SER A 119 -6.82 -38.04 -19.33
N ASP A 120 -6.48 -37.13 -20.22
CA ASP A 120 -5.41 -37.37 -21.20
C ASP A 120 -4.17 -37.83 -20.48
N TYR A 121 -3.89 -37.21 -19.33
CA TYR A 121 -2.69 -37.54 -18.58
C TYR A 121 -2.76 -38.93 -17.99
N LYS A 122 -3.88 -39.27 -17.37
CA LYS A 122 -4.03 -40.63 -16.85
C LYS A 122 -3.91 -41.64 -17.97
N HIS A 123 -4.39 -41.28 -19.16
CA HIS A 123 -4.39 -42.19 -20.31
C HIS A 123 -2.98 -42.45 -20.83
N SER A 124 -2.19 -41.39 -20.99
CA SER A 124 -0.87 -41.50 -21.59
C SER A 124 0.12 -40.50 -20.97
N PRO A 125 0.61 -40.81 -19.76
CA PRO A 125 1.57 -39.97 -19.04
C PRO A 125 2.87 -39.71 -19.81
N LYS A 126 3.14 -40.56 -20.80
CA LYS A 126 4.37 -40.44 -21.58
C LYS A 126 4.34 -39.22 -22.51
N ASN A 127 3.17 -38.91 -23.06
CA ASN A 127 3.05 -37.82 -24.04
C ASN A 127 2.37 -36.57 -23.47
N VAL A 128 2.13 -36.57 -22.16
CA VAL A 128 1.48 -35.46 -21.48
C VAL A 128 2.19 -35.14 -20.18
N SER A 129 2.55 -33.88 -20.01
CA SER A 129 3.23 -33.44 -18.80
C SER A 129 2.20 -32.97 -17.77
N LYS A 130 2.53 -33.12 -16.49
CA LYS A 130 1.71 -32.57 -15.41
C LYS A 130 2.51 -31.55 -14.60
N ILE A 131 2.04 -30.30 -14.56
CA ILE A 131 2.70 -29.23 -13.82
C ILE A 131 1.78 -28.57 -12.79
N SER A 132 2.27 -28.41 -11.57
CA SER A 132 1.51 -27.74 -10.53
C SER A 132 1.13 -26.33 -10.98
N ASN A 133 -0.09 -25.94 -10.65
CA ASN A 133 -0.58 -24.58 -10.91
C ASN A 133 -0.31 -23.68 -9.72
N ASN A 134 0.10 -24.27 -8.61
CA ASN A 134 0.26 -23.51 -7.39
C ASN A 134 1.53 -22.68 -7.42
N ILE A 135 1.53 -21.57 -6.67
CA ILE A 135 2.65 -20.65 -6.64
C ILE A 135 2.75 -20.04 -5.25
N LYS A 136 3.95 -19.60 -4.89
CA LYS A 136 4.16 -18.95 -3.61
C LYS A 136 4.02 -17.44 -3.72
N ALA A 137 3.41 -16.83 -2.71
CA ALA A 137 3.17 -15.40 -2.70
C ALA A 137 3.18 -14.81 -1.29
N SER A 138 3.59 -13.55 -1.17
CA SER A 138 3.54 -12.84 0.10
C SER A 138 2.12 -12.39 0.42
N ARG A 147 4.57 -12.55 5.17
CA ARG A 147 5.05 -13.91 5.35
C ARG A 147 4.58 -14.79 4.20
N ASN A 148 5.39 -15.78 3.85
CA ASN A 148 5.43 -16.30 2.49
C ASN A 148 5.03 -17.77 2.30
N GLY A 149 3.91 -17.99 1.60
CA GLY A 149 3.44 -19.34 1.34
C GLY A 149 2.64 -19.53 0.06
N TYR A 150 2.11 -20.74 -0.09
CA TYR A 150 1.35 -21.11 -1.29
C TYR A 150 0.03 -20.37 -1.38
N LEU A 151 -0.38 -20.08 -2.60
CA LEU A 151 -1.54 -19.26 -2.85
C LEU A 151 -2.82 -20.09 -2.80
N PHE A 152 -2.74 -21.34 -3.25
CA PHE A 152 -3.87 -22.26 -3.20
C PHE A 152 -3.69 -23.37 -2.16
N ASP A 153 -4.81 -23.74 -1.54
CA ASP A 153 -4.89 -24.77 -0.51
C ASP A 153 -5.75 -25.96 -0.95
N ARG A 154 -5.45 -27.12 -0.38
CA ARG A 154 -6.39 -28.22 -0.39
C ARG A 154 -7.51 -27.80 0.55
N SER A 155 -8.60 -27.29 -0.02
CA SER A 155 -9.63 -26.61 0.76
C SER A 155 -10.85 -27.46 0.97
N GLY A 156 -11.06 -27.89 2.21
CA GLY A 156 -12.17 -28.75 2.55
C GLY A 156 -13.56 -28.18 2.25
N LEU A 157 -14.46 -29.05 1.82
CA LEU A 157 -15.86 -28.69 1.74
C LEU A 157 -16.49 -28.90 3.13
N ILE A 158 -16.37 -30.11 3.66
CA ILE A 158 -16.70 -30.38 5.06
C ILE A 158 -15.41 -30.43 5.86
N ALA A 159 -15.29 -29.47 6.77
CA ALA A 159 -14.07 -29.25 7.51
C ALA A 159 -13.69 -30.48 8.31
N ASP A 160 -12.39 -30.68 8.44
CA ASP A 160 -11.85 -31.72 9.29
C ASP A 160 -12.39 -31.63 10.71
N SER A 161 -12.46 -30.42 11.24
CA SER A 161 -12.92 -30.20 12.60
C SER A 161 -14.39 -30.59 12.80
N LEU A 162 -15.13 -30.70 11.71
CA LEU A 162 -16.54 -31.06 11.78
C LEU A 162 -16.79 -32.53 11.43
N GLY A 163 -15.73 -33.29 11.21
CA GLY A 163 -15.86 -34.70 10.88
C GLY A 163 -15.52 -35.05 9.43
N GLY A 164 -15.05 -34.07 8.68
CA GLY A 164 -14.75 -34.26 7.26
C GLY A 164 -13.70 -35.31 6.94
N ARG A 165 -13.82 -35.93 5.77
CA ARG A 165 -12.87 -36.96 5.33
C ARG A 165 -11.78 -36.33 4.49
N PRO A 166 -10.52 -36.72 4.71
CA PRO A 166 -9.43 -36.11 3.95
C PRO A 166 -9.18 -36.79 2.60
N PHE A 167 -10.07 -36.54 1.65
CA PHE A 167 -9.90 -37.07 0.30
C PHE A 167 -10.42 -36.08 -0.73
N ARG A 168 -10.05 -36.32 -1.98
CA ARG A 168 -10.26 -35.38 -3.07
C ARG A 168 -11.67 -34.82 -3.12
N ASN A 169 -12.62 -35.74 -3.00
CA ASN A 169 -14.03 -35.45 -3.15
C ASN A 169 -14.56 -34.48 -2.13
N ASN A 170 -13.81 -34.30 -1.03
CA ASN A 170 -14.16 -33.33 0.00
C ASN A 170 -13.26 -32.10 -0.09
N LEU A 171 -12.68 -31.89 -1.27
CA LEU A 171 -11.80 -30.74 -1.51
C LEU A 171 -12.12 -30.01 -2.81
N ILE A 172 -11.84 -28.71 -2.82
CA ILE A 172 -11.72 -27.96 -4.05
C ILE A 172 -10.42 -27.20 -4.01
N THR A 173 -9.92 -26.80 -5.17
CA THR A 173 -8.73 -26.00 -5.23
C THR A 173 -9.12 -24.57 -4.85
N GLY A 174 -8.86 -24.20 -3.61
CA GLY A 174 -9.22 -22.87 -3.13
C GLY A 174 -8.03 -21.97 -2.86
N THR A 175 -8.24 -20.66 -3.00
CA THR A 175 -7.24 -19.68 -2.57
C THR A 175 -7.11 -19.74 -1.06
N ARG A 176 -5.94 -19.35 -0.57
N ARG A 176 -5.95 -19.35 -0.53
CA ARG A 176 -5.67 -19.27 0.86
CA ARG A 176 -5.76 -19.35 0.92
C ARG A 176 -6.77 -18.50 1.57
C ARG A 176 -6.82 -18.51 1.59
N THR A 177 -7.29 -17.47 0.89
CA THR A 177 -8.27 -16.58 1.48
C THR A 177 -9.68 -17.16 1.42
N GLN A 178 -9.95 -17.98 0.40
CA GLN A 178 -11.19 -18.76 0.36
C GLN A 178 -11.26 -19.67 1.58
N ASN A 179 -10.09 -20.18 1.97
CA ASN A 179 -9.97 -21.18 3.01
C ASN A 179 -10.10 -20.60 4.41
N VAL A 180 -9.42 -19.47 4.64
CA VAL A 180 -9.31 -18.92 5.99
C VAL A 180 -9.44 -17.40 6.04
N GLY A 181 -9.77 -16.80 4.89
CA GLY A 181 -9.85 -15.35 4.81
C GLY A 181 -8.53 -14.74 5.20
N ASN A 182 -8.58 -13.70 6.02
CA ASN A 182 -7.37 -13.05 6.47
C ASN A 182 -6.79 -13.76 7.70
N ASN A 183 -7.39 -14.92 8.00
CA ASN A 183 -6.93 -15.83 9.05
C ASN A 183 -6.96 -15.18 10.42
N ASP A 184 -8.06 -14.47 10.69
CA ASP A 184 -8.34 -13.90 12.00
C ASP A 184 -9.52 -14.62 12.63
N ARG A 185 -9.69 -15.88 12.24
CA ARG A 185 -10.77 -16.75 12.70
C ARG A 185 -12.14 -16.33 12.15
N LYS A 186 -12.20 -15.24 11.38
CA LYS A 186 -13.47 -14.68 10.96
C LYS A 186 -13.60 -14.49 9.44
N GLY A 187 -12.92 -15.33 8.66
CA GLY A 187 -12.96 -15.18 7.21
C GLY A 187 -12.87 -16.49 6.44
N GLY A 188 -13.29 -16.44 5.17
CA GLY A 188 -13.31 -17.62 4.34
C GLY A 188 -14.22 -18.68 4.90
N MET A 189 -13.93 -19.94 4.57
CA MET A 189 -14.69 -21.09 5.07
C MET A 189 -14.62 -21.15 6.57
N GLN A 190 -13.54 -20.62 7.14
CA GLN A 190 -13.30 -20.68 8.57
C GLN A 190 -14.40 -19.97 9.34
N TYR A 191 -14.96 -18.92 8.76
CA TYR A 191 -16.00 -18.15 9.42
C TYR A 191 -17.17 -19.02 9.83
N ILE A 192 -17.79 -19.64 8.84
CA ILE A 192 -19.00 -20.42 9.07
C ILE A 192 -18.65 -21.73 9.78
N GLU A 193 -17.47 -22.28 9.49
CA GLU A 193 -17.00 -23.50 10.17
C GLU A 193 -16.92 -23.29 11.68
N ASN A 194 -16.18 -22.27 12.07
CA ASN A 194 -15.99 -21.96 13.48
C ASN A 194 -17.28 -21.62 14.20
N LYS A 195 -18.20 -20.97 13.49
CA LYS A 195 -19.47 -20.59 14.09
C LYS A 195 -20.28 -21.84 14.42
N VAL A 196 -20.25 -22.81 13.52
CA VAL A 196 -20.91 -24.08 13.77
C VAL A 196 -20.17 -24.85 14.85
N LEU A 197 -18.84 -24.88 14.73
CA LEU A 197 -18.04 -25.62 15.67
C LEU A 197 -18.26 -25.10 17.09
N ASP A 198 -18.21 -23.77 17.23
CA ASP A 198 -18.32 -23.14 18.53
C ASP A 198 -19.71 -23.32 19.13
N HIS A 199 -20.74 -23.20 18.29
CA HIS A 199 -22.10 -23.30 18.81
C HIS A 199 -22.41 -24.71 19.30
N ILE A 200 -21.89 -25.72 18.62
CA ILE A 200 -22.11 -27.09 19.05
C ILE A 200 -21.33 -27.34 20.33
N LYS A 201 -20.12 -26.79 20.40
CA LYS A 201 -19.25 -26.99 21.57
C LYS A 201 -19.83 -26.37 22.82
N ARG A 202 -20.61 -25.30 22.65
CA ARG A 202 -21.26 -24.62 23.77
C ARG A 202 -22.63 -25.24 24.07
N ASN A 203 -23.16 -25.97 23.10
CA ASN A 203 -24.47 -26.61 23.23
C ASN A 203 -24.41 -28.05 22.73
N PRO A 204 -23.77 -28.95 23.51
CA PRO A 204 -23.42 -30.31 23.09
C PRO A 204 -24.59 -31.21 22.64
N LYS A 205 -25.82 -30.86 22.98
CA LYS A 205 -26.98 -31.65 22.56
C LYS A 205 -27.47 -31.22 21.19
N VAL A 206 -26.93 -30.12 20.68
CA VAL A 206 -27.39 -29.52 19.42
C VAL A 206 -26.63 -30.09 18.23
N HIS A 207 -27.33 -30.30 17.12
CA HIS A 207 -26.69 -30.73 15.89
C HIS A 207 -27.00 -29.75 14.78
N VAL A 208 -26.14 -29.75 13.76
CA VAL A 208 -26.24 -28.78 12.68
C VAL A 208 -26.29 -29.48 11.33
N TYR A 209 -27.35 -29.19 10.58
CA TYR A 209 -27.45 -29.57 9.19
C TYR A 209 -26.49 -28.69 8.41
N TYR A 210 -25.56 -29.31 7.70
CA TYR A 210 -24.45 -28.58 7.10
C TYR A 210 -24.23 -29.06 5.66
N LYS A 211 -24.14 -28.10 4.73
CA LYS A 211 -23.97 -28.43 3.32
C LYS A 211 -23.03 -27.43 2.68
N ALA A 212 -22.03 -27.94 1.96
CA ALA A 212 -21.09 -27.10 1.23
C ALA A 212 -21.16 -27.49 -0.22
N THR A 213 -21.49 -26.50 -1.06
CA THR A 213 -21.73 -26.72 -2.48
C THR A 213 -20.80 -25.83 -3.31
N PRO A 214 -19.79 -26.43 -3.96
CA PRO A 214 -19.00 -25.61 -4.88
C PRO A 214 -19.82 -25.14 -6.07
N VAL A 215 -19.68 -23.87 -6.40
CA VAL A 215 -20.39 -23.26 -7.52
C VAL A 215 -19.43 -23.14 -8.70
N TYR A 216 -19.75 -23.80 -9.81
CA TYR A 216 -18.92 -23.70 -11.00
C TYR A 216 -19.65 -22.90 -12.09
N GLN A 217 -18.88 -22.30 -12.98
CA GLN A 217 -19.43 -21.77 -14.23
C GLN A 217 -18.92 -22.62 -15.38
N GLY A 218 -19.83 -23.11 -16.20
CA GLY A 218 -19.44 -23.92 -17.35
C GLY A 218 -18.57 -25.11 -16.99
N SER A 219 -17.48 -25.29 -17.74
CA SER A 219 -16.56 -26.39 -17.50
C SER A 219 -15.33 -25.98 -16.70
N GLU A 220 -15.35 -24.79 -16.11
CA GLU A 220 -14.20 -24.31 -15.33
C GLU A 220 -13.85 -25.32 -14.22
N LEU A 221 -12.57 -25.59 -14.03
CA LEU A 221 -12.15 -26.62 -13.05
C LEU A 221 -12.06 -26.13 -11.60
N LEU A 222 -11.93 -24.82 -11.41
CA LEU A 222 -11.99 -24.25 -10.06
C LEU A 222 -13.38 -23.66 -9.84
N PRO A 223 -13.96 -23.87 -8.66
CA PRO A 223 -15.24 -23.22 -8.38
C PRO A 223 -15.04 -21.72 -8.20
N ARG A 224 -16.03 -20.93 -8.58
CA ARG A 224 -15.99 -19.50 -8.30
C ARG A 224 -16.22 -19.27 -6.81
N ALA A 225 -17.04 -20.13 -6.20
CA ALA A 225 -17.41 -19.98 -4.80
C ALA A 225 -17.80 -21.30 -4.17
N VAL A 226 -17.85 -21.33 -2.85
CA VAL A 226 -18.52 -22.41 -2.14
C VAL A 226 -19.72 -21.86 -1.35
N LEU A 227 -20.90 -22.42 -1.60
CA LEU A 227 -22.10 -22.08 -0.85
C LEU A 227 -22.28 -23.01 0.35
N VAL A 228 -22.19 -22.44 1.54
CA VAL A 228 -22.28 -23.22 2.77
C VAL A 228 -23.59 -22.88 3.46
N SER A 229 -24.42 -23.89 3.69
CA SER A 229 -25.69 -23.70 4.39
C SER A 229 -25.66 -24.43 5.72
N ALA A 230 -26.10 -23.75 6.78
CA ALA A 230 -26.04 -24.32 8.12
C ALA A 230 -27.34 -24.07 8.87
N LEU A 231 -27.95 -25.15 9.37
CA LEU A 231 -29.18 -25.04 10.15
C LEU A 231 -29.04 -25.84 11.44
N SER A 232 -28.99 -25.15 12.58
CA SER A 232 -28.85 -25.84 13.86
C SER A 232 -30.21 -26.26 14.38
N SER A 233 -30.24 -27.32 15.17
CA SER A 233 -31.48 -27.92 15.63
C SER A 233 -32.22 -27.04 16.62
N ASP A 234 -31.52 -26.06 17.20
CA ASP A 234 -32.15 -25.11 18.14
C ASP A 234 -32.49 -23.79 17.44
N GLY A 235 -32.32 -23.75 16.12
CA GLY A 235 -32.74 -22.62 15.33
C GLY A 235 -31.82 -21.43 15.41
N PHE A 236 -30.81 -21.49 16.27
CA PHE A 236 -29.93 -20.35 16.52
C PHE A 236 -29.11 -19.99 15.27
N ILE A 237 -28.57 -21.00 14.61
CA ILE A 237 -27.87 -20.82 13.34
C ILE A 237 -28.79 -21.20 12.20
N ASP A 238 -28.96 -20.28 11.24
CA ASP A 238 -29.84 -20.51 10.10
C ASP A 238 -29.44 -19.61 8.93
N GLU A 239 -28.34 -19.94 8.25
CA GLU A 239 -27.85 -19.09 7.19
C GLU A 239 -27.20 -19.86 6.04
N THR A 240 -27.09 -19.16 4.92
CA THR A 240 -26.28 -19.60 3.80
C THR A 240 -25.26 -18.49 3.52
N VAL A 241 -23.98 -18.85 3.47
CA VAL A 241 -22.94 -17.92 3.08
C VAL A 241 -22.34 -18.34 1.75
N ARG A 242 -22.02 -17.35 0.92
CA ARG A 242 -21.30 -17.58 -0.31
C ARG A 242 -19.84 -17.25 -0.04
N VAL A 243 -18.96 -18.26 -0.13
CA VAL A 243 -17.55 -18.05 0.15
C VAL A 243 -16.81 -18.00 -1.17
N PHE A 244 -16.14 -16.86 -1.41
CA PHE A 244 -15.60 -16.55 -2.71
C PHE A 244 -14.24 -17.17 -2.91
N ASN A 245 -14.07 -17.87 -4.02
CA ASN A 245 -12.77 -18.40 -4.38
C ASN A 245 -11.94 -17.31 -5.06
N ASN A 246 -11.59 -16.30 -4.26
CA ASN A 246 -10.77 -15.16 -4.69
C ASN A 246 -9.62 -14.86 -3.73
N VAL A 247 -8.62 -14.13 -4.21
CA VAL A 247 -7.60 -13.58 -3.33
C VAL A 247 -7.15 -12.22 -3.87
N ALA A 248 -7.10 -11.24 -2.97
CA ALA A 248 -6.82 -9.87 -3.33
C ALA A 248 -5.51 -9.74 -4.10
N GLY A 249 -5.56 -9.06 -5.24
CA GLY A 249 -4.37 -8.72 -5.99
C GLY A 249 -3.95 -9.76 -7.01
N PHE A 250 -4.78 -10.78 -7.18
CA PHE A 250 -4.53 -11.82 -8.16
C PHE A 250 -5.77 -12.11 -8.98
N ASN A 251 -5.53 -12.53 -10.21
CA ASN A 251 -6.58 -13.00 -11.07
C ASN A 251 -6.43 -14.49 -11.27
N ILE A 252 -7.38 -15.24 -10.74
CA ILE A 252 -7.35 -16.69 -10.83
C ILE A 252 -7.82 -17.12 -12.21
N ASP A 253 -7.16 -18.14 -12.76
CA ASP A 253 -7.67 -18.82 -13.95
C ASP A 253 -8.64 -19.93 -13.51
N TYR A 254 -9.92 -19.64 -13.54
CA TYR A 254 -10.92 -20.60 -13.08
C TYR A 254 -11.06 -21.78 -14.03
N GLN A 255 -10.79 -21.53 -15.31
CA GLN A 255 -10.91 -22.57 -16.30
C GLN A 255 -9.90 -23.69 -16.06
N ASN A 256 -8.63 -23.33 -15.87
CA ASN A 256 -7.56 -24.34 -15.83
C ASN A 256 -6.88 -24.47 -14.48
N GLY A 257 -7.24 -23.58 -13.56
CA GLY A 257 -6.54 -23.47 -12.29
C GLY A 257 -5.33 -22.58 -12.46
N GLY A 258 -4.71 -22.19 -11.35
CA GLY A 258 -3.58 -21.29 -11.41
C GLY A 258 -4.03 -19.85 -11.60
N LEU A 259 -3.12 -19.01 -12.07
CA LEU A 259 -3.41 -17.60 -12.28
C LEU A 259 -3.48 -17.27 -13.76
N LEU A 260 -4.16 -16.18 -14.12
CA LEU A 260 -4.17 -15.72 -15.50
C LEU A 260 -2.74 -15.37 -15.89
N SER A 261 -2.38 -15.67 -17.14
CA SER A 261 -1.05 -15.35 -17.64
C SER A 261 -1.06 -13.92 -18.18
N SER A 262 -0.12 -13.10 -17.72
CA SER A 262 0.04 -11.76 -18.27
C SER A 262 0.84 -11.80 -19.57
N TRP B 14 -1.81 -6.47 -40.37
CA TRP B 14 -1.71 -7.87 -39.99
C TRP B 14 -2.65 -8.77 -40.79
N SER B 15 -2.23 -10.02 -40.98
CA SER B 15 -3.09 -11.03 -41.62
C SER B 15 -2.84 -12.41 -41.00
N ILE B 16 -3.92 -13.14 -40.75
CA ILE B 16 -3.83 -14.50 -40.23
C ILE B 16 -3.05 -15.37 -41.21
N GLU B 17 -3.08 -14.98 -42.48
CA GLU B 17 -2.38 -15.73 -43.51
C GLU B 17 -0.87 -15.56 -43.38
N GLN B 18 -0.42 -14.31 -43.47
CA GLN B 18 1.01 -14.01 -43.42
C GLN B 18 1.60 -14.40 -42.07
N HIS B 19 0.91 -14.05 -41.00
CA HIS B 19 1.42 -14.27 -39.65
C HIS B 19 0.37 -14.85 -38.72
N PRO B 20 0.19 -16.19 -38.77
CA PRO B 20 -0.84 -16.88 -37.98
C PRO B 20 -0.55 -16.91 -36.47
N ASN B 21 0.67 -16.57 -36.08
CA ASN B 21 1.04 -16.61 -34.67
C ASN B 21 1.23 -15.21 -34.11
N TYR B 22 0.73 -14.22 -34.86
CA TYR B 22 0.61 -12.84 -34.40
C TYR B 22 1.94 -12.15 -34.12
N TYR B 23 2.98 -12.60 -34.82
CA TYR B 23 4.25 -11.90 -34.78
C TYR B 23 4.98 -12.03 -36.11
N HIS B 24 5.90 -11.10 -36.33
CA HIS B 24 6.74 -11.07 -37.52
C HIS B 24 8.15 -10.68 -37.11
N VAL B 25 9.12 -11.49 -37.52
CA VAL B 25 10.53 -11.17 -37.27
C VAL B 25 10.93 -9.98 -38.13
N GLU B 26 11.53 -8.97 -37.50
CA GLU B 26 11.88 -7.71 -38.15
C GLU B 26 13.33 -7.67 -38.59
N GLY B 27 14.17 -8.48 -37.96
CA GLY B 27 15.59 -8.47 -38.25
C GLY B 27 16.37 -8.74 -36.99
N LYS B 28 17.61 -8.25 -36.92
CA LYS B 28 18.46 -8.47 -35.77
C LYS B 28 18.00 -7.65 -34.58
N ALA B 29 18.66 -7.81 -33.44
CA ALA B 29 18.27 -7.12 -32.21
C ALA B 29 18.45 -5.62 -32.36
N GLN B 30 19.62 -5.20 -32.83
CA GLN B 30 19.92 -3.78 -33.01
C GLN B 30 19.72 -3.01 -31.71
N LEU B 31 20.43 -3.45 -30.67
CA LEU B 31 20.28 -2.89 -29.33
C LEU B 31 21.47 -2.04 -28.88
N ASP B 32 21.18 -0.86 -28.34
CA ASP B 32 22.19 -0.01 -27.75
C ASP B 32 22.59 -0.58 -26.40
N ILE B 33 23.51 -1.54 -26.44
CA ILE B 33 23.86 -2.37 -25.29
C ILE B 33 24.35 -1.55 -24.09
N LYS B 34 25.08 -0.47 -24.39
CA LYS B 34 25.69 0.34 -23.34
C LYS B 34 24.67 1.13 -22.52
N ASN B 35 23.44 1.23 -23.03
CA ASN B 35 22.40 1.99 -22.33
C ASN B 35 21.51 1.11 -21.43
N PHE B 36 21.83 -0.17 -21.33
CA PHE B 36 21.08 -1.08 -20.48
C PHE B 36 21.55 -1.00 -19.02
N PRO B 37 20.65 -1.27 -18.08
CA PRO B 37 21.07 -1.35 -16.68
C PRO B 37 22.05 -2.50 -16.49
N GLU B 38 23.11 -2.26 -15.75
CA GLU B 38 24.17 -3.25 -15.62
C GLU B 38 23.79 -4.36 -14.66
N LEU B 39 24.37 -5.51 -14.89
CA LEU B 39 24.23 -6.63 -13.96
C LEU B 39 24.95 -6.29 -12.67
N TYR B 40 24.49 -6.90 -11.59
CA TYR B 40 25.16 -6.76 -10.33
C TYR B 40 24.82 -7.93 -9.44
N ARG B 41 25.60 -8.07 -8.37
CA ARG B 41 25.43 -9.15 -7.42
C ARG B 41 24.63 -8.65 -6.23
N THR B 42 23.71 -9.49 -5.74
CA THR B 42 22.92 -9.17 -4.56
C THR B 42 22.40 -10.47 -3.98
N THR B 43 21.51 -10.38 -2.99
CA THR B 43 20.91 -11.58 -2.42
C THR B 43 19.45 -11.70 -2.86
N GLU B 44 18.97 -12.93 -2.88
CA GLU B 44 17.59 -13.22 -3.24
C GLU B 44 16.65 -12.37 -2.38
N ARG B 45 16.95 -12.33 -1.08
CA ARG B 45 16.12 -11.63 -0.10
C ARG B 45 15.99 -10.17 -0.45
N VAL B 46 17.10 -9.53 -0.79
CA VAL B 46 17.11 -8.11 -1.07
C VAL B 46 16.42 -7.81 -2.39
N TYR B 47 16.62 -8.67 -3.38
CA TYR B 47 16.08 -8.41 -4.71
C TYR B 47 14.56 -8.53 -4.70
N LYS B 48 14.05 -9.61 -4.13
CA LYS B 48 12.61 -9.83 -4.02
C LYS B 48 11.99 -9.09 -2.83
N LYS B 49 12.85 -8.61 -1.93
CA LYS B 49 12.42 -7.83 -0.78
C LYS B 49 11.34 -8.53 0.06
N SER B 50 11.42 -9.85 0.16
CA SER B 50 10.44 -10.59 0.95
C SER B 50 10.98 -11.95 1.42
N SER B 53 15.69 -15.72 1.80
CA SER B 53 16.87 -16.41 1.29
C SER B 53 18.07 -15.48 1.18
N THR B 54 19.24 -15.99 1.55
CA THR B 54 20.48 -15.22 1.48
C THR B 54 21.30 -15.61 0.25
N LYS B 55 20.70 -16.44 -0.60
CA LYS B 55 21.38 -16.95 -1.78
C LYS B 55 21.94 -15.79 -2.63
N PRO B 56 23.23 -15.87 -2.98
CA PRO B 56 23.81 -14.87 -3.88
C PRO B 56 23.23 -14.99 -5.28
N VAL B 57 22.88 -13.87 -5.90
CA VAL B 57 22.25 -13.87 -7.22
C VAL B 57 22.76 -12.75 -8.08
N THR B 58 22.83 -13.00 -9.39
CA THR B 58 23.19 -11.98 -10.36
C THR B 58 21.93 -11.54 -11.10
N VAL B 59 21.74 -10.23 -11.16
CA VAL B 59 20.51 -9.65 -11.70
C VAL B 59 20.78 -8.30 -12.33
N SER B 60 19.76 -7.75 -12.98
CA SER B 60 19.73 -6.35 -13.37
C SER B 60 18.40 -5.76 -12.90
N ASN B 61 18.40 -4.44 -12.71
CA ASN B 61 17.17 -3.71 -12.42
C ASN B 61 16.46 -3.33 -13.71
N ILE B 62 15.32 -3.95 -14.00
CA ILE B 62 14.60 -3.63 -15.23
C ILE B 62 14.21 -2.17 -15.29
N HIS B 63 14.50 -1.55 -16.42
CA HIS B 63 14.16 -0.16 -16.67
C HIS B 63 12.74 -0.05 -17.20
N TYR B 64 11.88 0.68 -16.49
CA TYR B 64 10.50 0.90 -16.90
C TYR B 64 10.26 2.37 -17.24
N SER B 65 9.36 2.65 -18.18
CA SER B 65 9.01 4.02 -18.52
C SER B 65 7.91 4.55 -17.61
N VAL B 66 7.97 5.83 -17.27
CA VAL B 66 6.80 6.50 -16.70
C VAL B 66 5.73 6.56 -17.79
N LEU B 67 4.47 6.71 -17.40
CA LEU B 67 3.38 6.82 -18.37
C LEU B 67 3.50 8.19 -19.03
N ASP B 68 3.04 8.31 -20.27
CA ASP B 68 3.04 9.64 -20.91
C ASP B 68 1.82 10.44 -20.49
N GLY B 69 1.58 11.56 -21.15
CA GLY B 69 0.51 12.47 -20.76
C GLY B 69 -0.88 11.89 -20.91
N TYR B 70 -1.01 10.85 -21.75
CA TYR B 70 -2.31 10.19 -21.95
C TYR B 70 -2.52 8.97 -21.05
N GLY B 71 -1.48 8.59 -20.30
CA GLY B 71 -1.54 7.44 -19.43
C GLY B 71 -1.06 6.17 -20.10
N ARG B 72 -0.36 6.33 -21.22
CA ARG B 72 0.09 5.20 -22.01
C ARG B 72 1.44 4.69 -21.50
N SER B 73 1.59 3.38 -21.48
CA SER B 73 2.85 2.77 -21.09
C SER B 73 3.85 2.84 -22.21
N GLY B 74 5.12 2.88 -21.82
CA GLY B 74 6.23 3.03 -22.74
C GLY B 74 7.17 1.85 -22.62
N GLU B 75 8.29 1.93 -23.31
CA GLU B 75 9.21 0.82 -23.39
C GLU B 75 9.78 0.41 -22.04
N ALA B 76 10.15 -0.87 -21.94
CA ALA B 76 10.85 -1.40 -20.80
C ALA B 76 12.02 -2.23 -21.31
N TYR B 77 13.11 -2.23 -20.56
CA TYR B 77 14.29 -2.97 -20.96
C TYR B 77 15.19 -3.29 -19.79
N GLY B 78 15.95 -4.36 -19.95
CA GLY B 78 16.87 -4.80 -18.93
C GLY B 78 17.61 -6.05 -19.36
N ILE B 79 18.42 -6.61 -18.45
CA ILE B 79 19.20 -7.80 -18.75
C ILE B 79 18.66 -8.99 -17.97
N ILE B 80 18.19 -9.99 -18.70
CA ILE B 80 17.56 -11.15 -18.10
C ILE B 80 18.61 -12.18 -17.78
N THR B 81 18.57 -12.69 -16.55
CA THR B 81 19.54 -13.66 -16.07
C THR B 81 18.80 -14.90 -15.60
N LYS B 82 19.54 -16.00 -15.48
CA LYS B 82 18.99 -17.24 -14.94
C LYS B 82 18.43 -17.04 -13.53
N ASP B 83 19.15 -16.32 -12.68
CA ASP B 83 18.70 -16.14 -11.30
C ASP B 83 17.37 -15.41 -11.25
N MET B 84 17.17 -14.50 -12.20
CA MET B 84 15.94 -13.73 -12.25
C MET B 84 14.78 -14.66 -12.57
N ILE B 85 14.98 -15.53 -13.56
CA ILE B 85 13.95 -16.50 -13.93
C ILE B 85 13.63 -17.43 -12.77
N ASP B 86 14.65 -17.99 -12.12
CA ASP B 86 14.45 -18.96 -11.05
C ASP B 86 13.63 -18.32 -9.93
N MET B 87 13.93 -17.07 -9.62
CA MET B 87 13.24 -16.39 -8.52
C MET B 87 11.79 -16.10 -8.86
N SER B 88 11.47 -15.94 -10.15
CA SER B 88 10.09 -15.72 -10.59
C SER B 88 9.37 -17.03 -10.87
N ALA B 89 10.13 -18.11 -10.99
CA ALA B 89 9.59 -19.41 -11.41
C ALA B 89 8.46 -19.91 -10.50
N GLY B 90 8.76 -20.04 -9.21
CA GLY B 90 7.78 -20.55 -8.27
C GLY B 90 6.99 -19.47 -7.56
N TYR B 91 7.50 -18.24 -7.65
CA TYR B 91 7.02 -17.12 -6.86
C TYR B 91 6.27 -16.11 -7.71
N ARG B 92 5.19 -15.54 -7.17
CA ARG B 92 4.41 -14.53 -7.88
C ARG B 92 4.03 -13.37 -6.97
N GLU B 93 4.07 -12.17 -7.53
CA GLU B 93 3.73 -10.96 -6.79
C GLU B 93 2.33 -10.50 -7.10
N LYS B 94 1.69 -9.98 -6.06
CA LYS B 94 0.44 -9.25 -6.14
C LYS B 94 0.45 -8.17 -7.25
N TRP B 95 -0.66 -8.00 -7.97
CA TRP B 95 -0.80 -6.83 -8.84
C TRP B 95 -0.70 -5.57 -7.99
N GLU B 96 0.19 -4.66 -8.36
CA GLU B 96 0.18 -3.36 -7.71
C GLU B 96 -1.15 -2.69 -8.07
N SER B 97 -1.72 -1.93 -7.16
CA SER B 97 -3.14 -1.58 -7.27
C SER B 97 -3.46 -0.80 -8.53
N LYS B 98 -4.62 -1.09 -9.13
CA LYS B 98 -5.03 -0.48 -10.39
C LYS B 98 -3.97 -0.62 -11.47
N PRO B 99 -3.67 -1.88 -11.89
CA PRO B 99 -2.66 -2.11 -12.93
C PRO B 99 -3.16 -1.89 -14.34
N GLU B 100 -4.47 -1.74 -14.53
CA GLU B 100 -5.05 -1.69 -15.87
C GLU B 100 -4.49 -0.54 -16.70
N PRO B 101 -3.92 -0.85 -17.88
CA PRO B 101 -3.28 0.19 -18.69
C PRO B 101 -4.24 1.03 -19.52
N SER B 102 -3.69 1.94 -20.32
CA SER B 102 -4.51 2.88 -21.08
C SER B 102 -5.41 2.10 -22.03
N GLY B 103 -6.62 2.62 -22.24
CA GLY B 103 -7.59 2.01 -23.13
C GLY B 103 -8.40 0.88 -22.50
N TRP B 104 -8.10 0.54 -21.25
CA TRP B 104 -8.79 -0.58 -20.61
C TRP B 104 -10.24 -0.22 -20.31
N TYR B 105 -10.45 1.02 -19.91
CA TYR B 105 -11.77 1.54 -19.58
C TYR B 105 -12.14 2.67 -20.52
N SER B 106 -13.43 2.92 -20.69
CA SER B 106 -13.88 4.15 -21.32
C SER B 106 -14.45 5.03 -20.24
N TYR B 107 -14.46 6.34 -20.48
CA TYR B 107 -14.94 7.29 -19.49
C TYR B 107 -15.97 8.23 -20.08
N PHE B 108 -17.01 8.50 -19.30
CA PHE B 108 -18.10 9.36 -19.72
C PHE B 108 -18.58 10.25 -18.58
N PHE B 109 -18.76 11.52 -18.89
CA PHE B 109 -19.25 12.45 -17.91
C PHE B 109 -20.65 12.05 -17.63
N LYS B 110 -20.93 11.91 -16.37
CA LYS B 110 -22.22 11.49 -15.87
C LYS B 110 -23.34 12.42 -16.26
N ASN B 111 -23.11 13.73 -16.27
CA ASN B 111 -24.17 14.63 -16.68
C ASN B 111 -24.53 14.60 -18.17
N THR B 112 -23.55 14.52 -19.07
CA THR B 112 -23.85 14.62 -20.50
C THR B 112 -23.84 13.29 -21.23
N ASN B 113 -23.03 12.35 -20.74
CA ASN B 113 -22.81 11.07 -21.42
C ASN B 113 -21.93 11.23 -22.66
N GLN B 114 -21.19 12.33 -22.74
CA GLN B 114 -20.16 12.50 -23.77
C GLN B 114 -18.86 11.90 -23.26
N ARG B 115 -17.98 11.47 -24.16
CA ARG B 115 -16.81 10.73 -23.70
C ARG B 115 -15.82 11.62 -22.96
N ALA B 116 -15.24 11.05 -21.90
CA ALA B 116 -14.25 11.73 -21.07
C ALA B 116 -12.93 10.97 -21.16
N THR B 117 -11.92 11.43 -20.43
CA THR B 117 -10.62 10.76 -20.38
C THR B 117 -10.35 10.21 -18.97
N GLU B 118 -9.39 9.30 -18.85
CA GLU B 118 -8.97 8.82 -17.53
C GLU B 118 -8.55 10.01 -16.66
N SER B 119 -7.94 11.02 -17.27
CA SER B 119 -7.56 12.24 -16.56
C SER B 119 -8.77 12.82 -15.85
N ASP B 120 -9.85 13.04 -16.60
CA ASP B 120 -11.10 13.50 -16.01
C ASP B 120 -11.56 12.62 -14.85
N TYR B 121 -11.53 11.30 -15.07
CA TYR B 121 -11.99 10.35 -14.05
C TYR B 121 -11.15 10.44 -12.78
N LYS B 122 -9.83 10.47 -12.93
CA LYS B 122 -8.95 10.60 -11.78
C LYS B 122 -9.24 11.88 -10.99
N HIS B 123 -9.52 12.95 -11.70
CA HIS B 123 -9.77 14.25 -11.07
C HIS B 123 -11.02 14.23 -10.17
N SER B 124 -12.07 13.56 -10.66
CA SER B 124 -13.32 13.49 -9.90
C SER B 124 -14.06 12.20 -10.23
N PRO B 125 -13.73 11.12 -9.52
CA PRO B 125 -14.39 9.83 -9.75
C PRO B 125 -15.91 9.93 -9.61
N LYS B 126 -16.37 10.85 -8.78
CA LYS B 126 -17.79 10.93 -8.45
C LYS B 126 -18.64 11.34 -9.65
N ASN B 127 -18.09 12.18 -10.53
CA ASN B 127 -18.88 12.75 -11.62
C ASN B 127 -18.53 12.19 -13.01
N VAL B 128 -17.70 11.16 -13.06
CA VAL B 128 -17.35 10.51 -14.32
C VAL B 128 -17.53 9.01 -14.19
N SER B 129 -18.13 8.40 -15.21
CA SER B 129 -18.38 6.97 -15.19
C SER B 129 -17.21 6.25 -15.85
N LYS B 130 -16.74 5.19 -15.20
CA LYS B 130 -15.69 4.33 -15.74
C LYS B 130 -16.34 3.01 -16.17
N ILE B 131 -16.24 2.68 -17.45
CA ILE B 131 -16.86 1.48 -17.99
C ILE B 131 -15.83 0.64 -18.73
N SER B 132 -15.71 -0.64 -18.35
CA SER B 132 -14.72 -1.53 -18.95
C SER B 132 -14.94 -1.71 -20.45
N ASN B 133 -13.83 -1.66 -21.21
CA ASN B 133 -13.85 -1.93 -22.63
C ASN B 133 -13.69 -3.40 -22.97
N ASN B 134 -13.52 -4.24 -21.96
CA ASN B 134 -13.35 -5.66 -22.25
C ASN B 134 -14.69 -6.27 -22.59
N ILE B 135 -14.68 -7.31 -23.40
N ILE B 135 -14.66 -7.36 -23.34
CA ILE B 135 -15.88 -8.06 -23.76
CA ILE B 135 -15.86 -8.07 -23.69
C ILE B 135 -15.54 -9.53 -23.93
C ILE B 135 -15.50 -9.55 -23.82
N LYS B 136 -16.49 -10.40 -23.58
CA LYS B 136 -16.34 -11.84 -23.83
C LYS B 136 -16.51 -12.14 -25.31
N ALA B 137 -15.69 -13.05 -25.80
CA ALA B 137 -15.83 -13.55 -27.16
C ALA B 137 -15.21 -14.92 -27.28
N SER B 138 -15.50 -15.60 -28.39
CA SER B 138 -14.73 -16.77 -28.77
C SER B 138 -13.97 -16.47 -30.06
N ILE B 139 -12.82 -17.11 -30.24
CA ILE B 139 -12.01 -16.90 -31.43
C ILE B 139 -11.49 -18.22 -31.99
N LEU B 140 -11.54 -18.35 -33.30
CA LEU B 140 -11.01 -19.52 -33.99
C LEU B 140 -9.51 -19.36 -34.19
N LEU B 141 -8.74 -20.27 -33.60
CA LEU B 141 -7.29 -20.23 -33.71
C LEU B 141 -6.86 -20.88 -35.02
N SER B 142 -5.60 -20.66 -35.39
CA SER B 142 -5.06 -21.16 -36.64
C SER B 142 -4.79 -22.65 -36.54
N ASN B 143 -4.60 -23.14 -35.31
CA ASN B 143 -4.36 -24.55 -35.07
C ASN B 143 -5.66 -25.34 -34.99
N GLY B 144 -6.79 -24.64 -35.16
CA GLY B 144 -8.09 -25.28 -35.23
C GLY B 144 -8.83 -25.37 -33.91
N ASN B 145 -8.19 -24.95 -32.83
CA ASN B 145 -8.81 -25.00 -31.50
C ASN B 145 -9.67 -23.77 -31.24
N VAL B 146 -10.38 -23.78 -30.12
CA VAL B 146 -11.28 -22.68 -29.75
C VAL B 146 -10.90 -22.09 -28.40
N ARG B 147 -11.05 -20.77 -28.28
CA ARG B 147 -10.71 -20.05 -27.06
C ARG B 147 -11.84 -19.11 -26.66
N ASN B 148 -12.52 -19.43 -25.57
CA ASN B 148 -13.67 -18.66 -25.07
C ASN B 148 -13.28 -17.86 -23.82
N GLY B 149 -13.76 -16.61 -23.75
CA GLY B 149 -13.44 -15.72 -22.64
C GLY B 149 -13.17 -14.29 -23.12
N TYR B 150 -12.45 -13.52 -22.31
CA TYR B 150 -12.21 -12.11 -22.61
C TYR B 150 -11.25 -11.89 -23.77
N LEU B 151 -11.53 -10.89 -24.59
CA LEU B 151 -10.70 -10.53 -25.73
C LEU B 151 -9.40 -9.86 -25.34
N PHE B 152 -9.45 -9.01 -24.32
CA PHE B 152 -8.27 -8.24 -23.91
C PHE B 152 -7.65 -8.78 -22.63
N ASP B 153 -6.32 -8.84 -22.62
CA ASP B 153 -5.51 -9.22 -21.46
C ASP B 153 -4.69 -8.04 -20.94
N ARG B 154 -4.42 -8.03 -19.63
CA ARG B 154 -3.31 -7.23 -19.09
C ARG B 154 -2.04 -7.87 -19.61
N SER B 155 -1.40 -7.24 -20.59
CA SER B 155 -0.36 -7.89 -21.36
C SER B 155 1.02 -7.33 -21.03
N GLY B 156 1.83 -8.10 -20.34
CA GLY B 156 3.14 -7.63 -19.90
C GLY B 156 4.09 -7.30 -21.03
N LEU B 157 4.89 -6.27 -20.82
CA LEU B 157 5.92 -5.87 -21.78
C LEU B 157 7.15 -6.72 -21.48
N ILE B 158 7.54 -6.76 -20.21
CA ILE B 158 8.51 -7.70 -19.68
C ILE B 158 7.78 -8.78 -18.89
N ALA B 159 7.72 -9.98 -19.46
CA ALA B 159 7.05 -11.12 -18.84
C ALA B 159 7.44 -11.32 -17.38
N ASP B 160 6.49 -11.86 -16.61
CA ASP B 160 6.71 -12.19 -15.22
C ASP B 160 7.81 -13.25 -15.11
N SER B 161 7.76 -14.23 -15.99
CA SER B 161 8.71 -15.34 -15.99
C SER B 161 10.15 -14.91 -16.22
N LEU B 162 10.33 -13.71 -16.79
CA LEU B 162 11.65 -13.17 -17.05
C LEU B 162 12.05 -12.13 -16.00
N GLY B 163 11.16 -11.89 -15.05
CA GLY B 163 11.49 -11.03 -13.93
C GLY B 163 10.64 -9.77 -13.93
N GLY B 164 9.68 -9.67 -14.83
CA GLY B 164 8.83 -8.49 -14.91
C GLY B 164 8.10 -8.07 -13.64
N ARG B 165 7.86 -6.78 -13.52
CA ARG B 165 7.19 -6.19 -12.36
C ARG B 165 5.70 -6.14 -12.65
N PRO B 166 4.86 -6.59 -11.69
CA PRO B 166 3.43 -6.58 -11.99
C PRO B 166 2.80 -5.22 -11.69
N PHE B 167 3.01 -4.29 -12.61
CA PHE B 167 2.38 -2.99 -12.48
C PHE B 167 2.11 -2.39 -13.84
N ARG B 168 1.17 -1.44 -13.83
CA ARG B 168 0.61 -0.85 -15.04
C ARG B 168 1.65 -0.50 -16.08
N ASN B 169 2.73 0.13 -15.62
CA ASN B 169 3.79 0.63 -16.48
C ASN B 169 4.48 -0.47 -17.28
N ASN B 170 4.35 -1.70 -16.79
CA ASN B 170 4.84 -2.91 -17.48
C ASN B 170 3.73 -3.61 -18.25
N LEU B 171 2.62 -2.91 -18.46
CA LEU B 171 1.48 -3.53 -19.17
C LEU B 171 0.92 -2.69 -20.30
N ILE B 172 0.43 -3.37 -21.34
N ILE B 172 0.37 -3.40 -21.27
CA ILE B 172 -0.45 -2.70 -22.31
CA ILE B 172 -0.45 -2.82 -22.31
C ILE B 172 -1.74 -3.53 -22.45
C ILE B 172 -1.78 -3.55 -22.38
N THR B 173 -2.79 -2.87 -22.93
CA THR B 173 -4.06 -3.50 -23.21
C THR B 173 -3.89 -4.29 -24.50
N GLY B 174 -3.67 -5.60 -24.38
CA GLY B 174 -3.43 -6.44 -25.55
C GLY B 174 -4.49 -7.50 -25.73
N THR B 175 -4.76 -7.85 -26.99
CA THR B 175 -5.70 -8.93 -27.27
C THR B 175 -5.14 -10.21 -26.69
N ARG B 176 -5.88 -11.22 -26.36
CA ARG B 176 -5.47 -12.54 -26.00
C ARG B 176 -4.41 -12.98 -26.95
N THR B 177 -4.63 -12.70 -28.23
CA THR B 177 -3.77 -13.29 -29.24
C THR B 177 -2.46 -12.53 -29.35
N GLN B 178 -2.48 -11.24 -29.01
CA GLN B 178 -1.23 -10.48 -28.87
C GLN B 178 -0.40 -11.06 -27.72
N ASN B 179 -1.09 -11.46 -26.67
CA ASN B 179 -0.46 -11.93 -25.45
C ASN B 179 0.14 -13.34 -25.61
N VAL B 180 -0.64 -14.27 -26.15
CA VAL B 180 -0.22 -15.67 -26.18
C VAL B 180 -0.46 -16.37 -27.52
N GLY B 181 -0.83 -15.60 -28.55
CA GLY B 181 -1.12 -16.17 -29.87
C GLY B 181 -2.14 -17.28 -29.77
N ASN B 182 -1.80 -18.46 -30.30
CA ASN B 182 -2.66 -19.63 -30.16
C ASN B 182 -2.33 -20.42 -28.89
N ASN B 183 -1.63 -19.76 -27.96
CA ASN B 183 -1.22 -20.35 -26.68
C ASN B 183 -0.62 -21.76 -26.81
N ASP B 184 0.64 -21.81 -27.22
CA ASP B 184 1.37 -23.08 -27.34
C ASP B 184 2.88 -22.85 -27.26
N ARG B 185 3.26 -21.72 -26.69
CA ARG B 185 4.66 -21.32 -26.59
C ARG B 185 5.24 -21.00 -27.97
N LYS B 186 4.36 -20.68 -28.93
CA LYS B 186 4.77 -20.35 -30.29
C LYS B 186 4.21 -19.03 -30.80
N GLY B 187 3.37 -18.37 -29.99
CA GLY B 187 2.59 -17.25 -30.48
C GLY B 187 2.59 -16.03 -29.58
N GLY B 188 2.33 -14.88 -30.20
CA GLY B 188 2.29 -13.62 -29.49
C GLY B 188 3.59 -13.32 -28.77
N MET B 189 3.48 -12.54 -27.69
CA MET B 189 4.61 -12.26 -26.82
C MET B 189 5.26 -13.52 -26.28
N GLN B 190 4.43 -14.55 -26.07
CA GLN B 190 4.87 -15.81 -25.50
C GLN B 190 5.95 -16.49 -26.35
N TYR B 191 5.95 -16.24 -27.65
CA TYR B 191 6.95 -16.82 -28.54
C TYR B 191 8.37 -16.37 -28.18
N ILE B 192 8.62 -15.06 -28.20
CA ILE B 192 9.96 -14.55 -27.91
C ILE B 192 10.27 -14.71 -26.42
N GLU B 193 9.22 -14.64 -25.59
CA GLU B 193 9.37 -14.81 -24.14
C GLU B 193 9.91 -16.20 -23.82
N ASN B 194 9.25 -17.22 -24.34
CA ASN B 194 9.67 -18.60 -24.11
C ASN B 194 10.99 -18.95 -24.82
N LYS B 195 11.29 -18.31 -25.95
CA LYS B 195 12.59 -18.56 -26.59
C LYS B 195 13.73 -18.10 -25.70
N VAL B 196 13.60 -16.90 -25.16
CA VAL B 196 14.61 -16.37 -24.24
C VAL B 196 14.63 -17.20 -22.97
N LEU B 197 13.45 -17.54 -22.48
CA LEU B 197 13.32 -18.31 -21.26
C LEU B 197 14.05 -19.63 -21.35
N ASP B 198 13.71 -20.40 -22.38
CA ASP B 198 14.26 -21.73 -22.57
C ASP B 198 15.77 -21.70 -22.77
N HIS B 199 16.24 -20.85 -23.67
CA HIS B 199 17.67 -20.74 -23.94
C HIS B 199 18.47 -20.46 -22.67
N ILE B 200 17.99 -19.55 -21.84
CA ILE B 200 18.70 -19.23 -20.61
C ILE B 200 18.65 -20.44 -19.66
N LYS B 201 17.51 -21.10 -19.60
CA LYS B 201 17.40 -22.31 -18.78
C LYS B 201 18.40 -23.37 -19.25
N ARG B 202 18.67 -23.42 -20.56
CA ARG B 202 19.59 -24.41 -21.12
C ARG B 202 21.03 -23.90 -21.17
N ASN B 203 21.23 -22.63 -20.84
CA ASN B 203 22.56 -22.05 -20.81
C ASN B 203 22.70 -21.09 -19.62
N PRO B 204 22.80 -21.64 -18.41
CA PRO B 204 22.61 -20.87 -17.17
C PRO B 204 23.60 -19.74 -16.98
N LYS B 205 24.70 -19.73 -17.74
CA LYS B 205 25.68 -18.64 -17.68
C LYS B 205 25.35 -17.54 -18.68
N VAL B 206 24.29 -17.74 -19.47
CA VAL B 206 23.90 -16.79 -20.52
C VAL B 206 22.89 -15.78 -20.01
N HIS B 207 23.05 -14.53 -20.41
CA HIS B 207 22.07 -13.49 -20.14
C HIS B 207 21.62 -12.83 -21.45
N VAL B 208 20.46 -12.18 -21.40
CA VAL B 208 19.82 -11.67 -22.60
C VAL B 208 19.40 -10.23 -22.39
N TYR B 209 19.92 -9.37 -23.27
CA TYR B 209 19.47 -7.99 -23.34
C TYR B 209 18.08 -8.01 -23.96
N TYR B 210 17.11 -7.51 -23.21
CA TYR B 210 15.69 -7.66 -23.55
C TYR B 210 14.97 -6.33 -23.48
N LYS B 211 14.32 -5.95 -24.57
CA LYS B 211 13.61 -4.69 -24.64
C LYS B 211 12.27 -4.86 -25.36
N ALA B 212 11.20 -4.44 -24.70
CA ALA B 212 9.87 -4.45 -25.30
C ALA B 212 9.36 -3.02 -25.42
N THR B 213 8.98 -2.63 -26.64
CA THR B 213 8.53 -1.27 -26.91
C THR B 213 7.13 -1.28 -27.55
N PRO B 214 6.13 -0.73 -26.84
CA PRO B 214 4.83 -0.66 -27.51
C PRO B 214 4.85 0.42 -28.59
N VAL B 215 4.29 0.11 -29.76
CA VAL B 215 4.21 1.06 -30.86
C VAL B 215 2.81 1.64 -30.93
N TYR B 216 2.72 2.97 -30.88
CA TYR B 216 1.44 3.66 -31.03
C TYR B 216 1.43 4.56 -32.28
N GLN B 217 0.25 4.81 -32.79
CA GLN B 217 0.04 5.84 -33.81
C GLN B 217 -0.75 6.95 -33.17
N GLY B 218 -0.28 8.18 -33.34
CA GLY B 218 -0.94 9.36 -32.80
C GLY B 218 -1.15 9.29 -31.30
N SER B 219 -2.34 9.67 -30.85
CA SER B 219 -2.71 9.61 -29.45
C SER B 219 -3.51 8.35 -29.09
N GLU B 220 -3.46 7.32 -29.95
CA GLU B 220 -4.19 6.07 -29.70
C GLU B 220 -3.77 5.47 -28.35
N LEU B 221 -4.74 5.03 -27.55
CA LEU B 221 -4.46 4.53 -26.21
C LEU B 221 -4.04 3.07 -26.16
N LEU B 222 -4.37 2.30 -27.21
CA LEU B 222 -3.81 0.96 -27.39
C LEU B 222 -2.70 1.00 -28.43
N PRO B 223 -1.63 0.23 -28.21
CA PRO B 223 -0.60 0.15 -29.23
C PRO B 223 -1.05 -0.75 -30.37
N ARG B 224 -0.51 -0.52 -31.56
CA ARG B 224 -0.79 -1.38 -32.70
C ARG B 224 0.03 -2.65 -32.59
N ALA B 225 1.19 -2.52 -31.98
CA ALA B 225 2.08 -3.65 -31.85
C ALA B 225 3.03 -3.44 -30.67
N VAL B 226 3.75 -4.50 -30.31
CA VAL B 226 4.87 -4.39 -29.40
C VAL B 226 6.12 -4.96 -30.08
N LEU B 227 7.17 -4.14 -30.14
CA LEU B 227 8.46 -4.56 -30.68
C LEU B 227 9.36 -5.08 -29.57
N VAL B 228 9.71 -6.35 -29.65
CA VAL B 228 10.62 -6.95 -28.70
C VAL B 228 11.96 -7.22 -29.38
N SER B 229 13.04 -6.68 -28.81
CA SER B 229 14.38 -7.04 -29.25
C SER B 229 15.09 -7.84 -28.16
N ALA B 230 15.82 -8.87 -28.59
CA ALA B 230 16.46 -9.80 -27.68
C ALA B 230 17.84 -10.16 -28.22
N LEU B 231 18.86 -9.92 -27.41
CA LEU B 231 20.24 -10.26 -27.74
C LEU B 231 20.90 -11.06 -26.60
N SER B 232 21.22 -12.33 -26.86
CA SER B 232 21.86 -13.15 -25.83
C SER B 232 23.38 -12.98 -25.85
N SER B 233 24.01 -13.27 -24.71
CA SER B 233 25.44 -13.01 -24.53
C SER B 233 26.33 -13.99 -25.31
N ASP B 234 25.72 -14.97 -25.96
CA ASP B 234 26.47 -15.92 -26.80
C ASP B 234 26.14 -15.73 -28.28
N GLY B 235 25.26 -14.79 -28.59
CA GLY B 235 24.92 -14.47 -29.96
C GLY B 235 23.85 -15.35 -30.61
N PHE B 236 23.40 -16.39 -29.93
CA PHE B 236 22.44 -17.33 -30.53
C PHE B 236 21.05 -16.72 -30.67
N ILE B 237 20.67 -15.84 -29.75
CA ILE B 237 19.46 -15.04 -29.93
C ILE B 237 19.88 -13.60 -30.24
N ASP B 238 19.37 -13.09 -31.35
CA ASP B 238 19.72 -11.79 -31.87
C ASP B 238 18.63 -11.35 -32.84
N GLU B 239 17.47 -10.99 -32.32
CA GLU B 239 16.34 -10.68 -33.17
C GLU B 239 15.40 -9.63 -32.61
N THR B 240 14.72 -8.93 -33.52
CA THR B 240 13.62 -8.05 -33.15
C THR B 240 12.35 -8.61 -33.76
N VAL B 241 11.32 -8.76 -32.92
CA VAL B 241 10.05 -9.32 -33.33
C VAL B 241 8.94 -8.28 -33.17
N ARG B 242 8.09 -8.15 -34.18
CA ARG B 242 6.91 -7.30 -34.07
C ARG B 242 5.71 -8.16 -33.73
N VAL B 243 5.16 -7.96 -32.53
CA VAL B 243 4.00 -8.71 -32.05
C VAL B 243 2.78 -7.83 -32.25
N PHE B 244 1.82 -8.32 -33.04
CA PHE B 244 0.68 -7.52 -33.48
C PHE B 244 -0.43 -7.47 -32.44
N ASN B 245 -0.97 -6.28 -32.20
CA ASN B 245 -2.11 -6.16 -31.31
C ASN B 245 -3.41 -6.28 -32.12
N ASN B 246 -3.68 -7.52 -32.54
CA ASN B 246 -4.83 -7.85 -33.37
C ASN B 246 -5.49 -9.11 -32.85
N VAL B 247 -6.69 -9.41 -33.30
CA VAL B 247 -7.33 -10.69 -33.01
C VAL B 247 -8.25 -10.98 -34.17
N ALA B 248 -8.11 -12.19 -34.73
CA ALA B 248 -8.89 -12.58 -35.90
C ALA B 248 -10.39 -12.43 -35.65
N GLY B 249 -11.07 -11.73 -36.57
CA GLY B 249 -12.53 -11.64 -36.56
C GLY B 249 -13.09 -10.37 -35.99
N PHE B 250 -12.22 -9.55 -35.39
CA PHE B 250 -12.63 -8.31 -34.74
C PHE B 250 -11.76 -7.14 -35.21
N ASN B 251 -12.34 -5.95 -35.12
CA ASN B 251 -11.60 -4.71 -35.35
C ASN B 251 -11.52 -3.92 -34.07
N ILE B 252 -10.29 -3.65 -33.65
CA ILE B 252 -10.05 -2.98 -32.40
C ILE B 252 -10.10 -1.48 -32.58
N ASP B 253 -10.78 -0.82 -31.65
CA ASP B 253 -10.76 0.63 -31.55
C ASP B 253 -9.46 1.04 -30.89
N TYR B 254 -8.42 1.27 -31.67
CA TYR B 254 -7.12 1.60 -31.07
C TYR B 254 -7.12 2.94 -30.37
N GLN B 255 -7.96 3.87 -30.83
CA GLN B 255 -8.02 5.19 -30.21
C GLN B 255 -8.52 5.13 -28.77
N ASN B 256 -9.64 4.45 -28.55
CA ASN B 256 -10.32 4.48 -27.26
C ASN B 256 -10.18 3.20 -26.46
N GLY B 257 -9.73 2.12 -27.09
CA GLY B 257 -9.82 0.80 -26.52
C GLY B 257 -11.15 0.16 -26.88
N GLY B 258 -11.29 -1.13 -26.62
CA GLY B 258 -12.49 -1.86 -27.02
C GLY B 258 -12.52 -2.12 -28.52
N LEU B 259 -13.72 -2.34 -29.05
CA LEU B 259 -13.91 -2.63 -30.48
C LEU B 259 -14.57 -1.45 -31.19
N LEU B 260 -14.34 -1.32 -32.50
CA LEU B 260 -14.99 -0.27 -33.26
C LEU B 260 -16.49 -0.48 -33.19
N SER B 261 -17.25 0.59 -33.33
CA SER B 261 -18.70 0.52 -33.31
C SER B 261 -19.21 0.39 -34.74
N SER B 262 -20.03 -0.62 -35.00
CA SER B 262 -20.74 -0.72 -36.28
C SER B 262 -21.95 0.19 -36.22
N TRP C 14 19.45 17.71 10.66
CA TRP C 14 19.39 19.10 10.25
C TRP C 14 19.58 20.05 11.43
N SER C 15 20.19 21.20 11.15
CA SER C 15 20.42 22.22 12.16
C SER C 15 20.13 23.62 11.58
N ILE C 16 19.20 24.34 12.21
CA ILE C 16 18.89 25.70 11.81
C ILE C 16 20.11 26.55 12.04
N GLU C 17 20.89 26.19 13.05
CA GLU C 17 22.16 26.86 13.33
C GLU C 17 23.14 26.60 12.19
N GLN C 18 23.25 25.34 11.80
CA GLN C 18 24.26 24.94 10.83
C GLN C 18 23.80 25.15 9.38
N HIS C 19 22.49 25.14 9.15
CA HIS C 19 21.98 25.24 7.77
C HIS C 19 20.66 26.01 7.72
N PRO C 20 20.72 27.31 8.00
CA PRO C 20 19.55 28.20 8.10
C PRO C 20 18.73 28.32 6.82
N ASN C 21 19.33 28.03 5.68
CA ASN C 21 18.64 28.17 4.39
C ASN C 21 18.22 26.82 3.83
N TYR C 22 18.25 25.80 4.70
CA TYR C 22 17.71 24.48 4.42
C TYR C 22 18.45 23.73 3.32
N TYR C 23 19.72 24.07 3.11
CA TYR C 23 20.58 23.27 2.24
C TYR C 23 22.03 23.25 2.73
N HIS C 24 22.70 22.14 2.46
CA HIS C 24 24.12 21.94 2.76
C HIS C 24 24.88 21.56 1.49
N VAL C 25 25.96 22.27 1.18
CA VAL C 25 26.78 21.92 0.03
C VAL C 25 27.63 20.72 0.41
N GLU C 26 27.49 19.65 -0.36
CA GLU C 26 28.14 18.36 -0.05
C GLU C 26 29.50 18.24 -0.72
N GLY C 27 29.66 18.93 -1.85
CA GLY C 27 30.86 18.83 -2.65
C GLY C 27 30.58 19.10 -4.11
N LYS C 28 31.42 18.58 -4.99
CA LYS C 28 31.25 18.77 -6.42
C LYS C 28 30.03 18.02 -6.93
N ALA C 29 29.67 18.24 -8.20
CA ALA C 29 28.52 17.58 -8.80
C ALA C 29 28.64 16.07 -8.73
N GLN C 30 29.78 15.55 -9.16
CA GLN C 30 30.04 14.12 -9.17
C GLN C 30 29.00 13.38 -10.02
N LEU C 31 28.84 13.85 -11.26
CA LEU C 31 27.88 13.27 -12.19
C LEU C 31 28.57 12.45 -13.26
N ASP C 32 27.93 11.36 -13.65
CA ASP C 32 28.36 10.57 -14.81
C ASP C 32 27.58 11.03 -16.03
N ILE C 33 28.17 11.94 -16.79
CA ILE C 33 27.45 12.56 -17.89
C ILE C 33 27.01 11.53 -18.93
N LYS C 34 27.68 10.38 -18.94
CA LYS C 34 27.37 9.32 -19.90
C LYS C 34 25.94 8.82 -19.75
N ASN C 35 25.45 8.78 -18.52
CA ASN C 35 24.13 8.21 -18.21
C ASN C 35 22.99 9.17 -18.52
N PHE C 36 23.33 10.40 -18.86
CA PHE C 36 22.30 11.41 -19.09
C PHE C 36 21.67 11.22 -20.44
N PRO C 37 20.34 11.38 -20.53
CA PRO C 37 19.74 11.37 -21.87
C PRO C 37 20.30 12.49 -22.71
N GLU C 38 20.47 12.23 -24.00
CA GLU C 38 21.28 13.09 -24.85
C GLU C 38 20.53 14.33 -25.28
N LEU C 39 21.27 15.39 -25.59
CA LEU C 39 20.67 16.55 -26.24
C LEU C 39 20.24 16.16 -27.65
N TYR C 40 19.26 16.87 -28.20
CA TYR C 40 18.81 16.61 -29.55
C TYR C 40 18.01 17.80 -30.07
N ARG C 41 17.85 17.87 -31.39
CA ARG C 41 17.07 18.93 -32.02
C ARG C 41 15.63 18.49 -32.26
N THR C 42 14.71 19.43 -32.17
CA THR C 42 13.32 19.22 -32.55
C THR C 42 12.66 20.58 -32.70
N THR C 43 11.32 20.60 -32.78
CA THR C 43 10.57 21.84 -32.88
C THR C 43 9.76 22.10 -31.62
N GLU C 44 9.40 23.35 -31.38
CA GLU C 44 8.65 23.74 -30.20
C GLU C 44 7.33 22.97 -30.09
N ARG C 45 6.63 22.84 -31.20
CA ARG C 45 5.34 22.16 -31.22
C ARG C 45 5.48 20.70 -30.81
N VAL C 46 6.50 20.04 -31.34
CA VAL C 46 6.65 18.61 -31.17
C VAL C 46 7.16 18.27 -29.77
N TYR C 47 8.06 19.10 -29.25
CA TYR C 47 8.53 18.92 -27.88
C TYR C 47 7.41 19.23 -26.90
N LYS C 48 6.84 20.43 -27.06
CA LYS C 48 5.75 20.90 -26.21
C LYS C 48 4.49 20.02 -26.34
N LYS C 49 4.41 19.26 -27.42
CA LYS C 49 3.24 18.42 -27.71
C LYS C 49 1.98 19.26 -27.65
N SER C 50 2.07 20.47 -28.19
CA SER C 50 1.00 21.46 -28.09
C SER C 50 1.34 22.71 -28.91
N GLY C 51 0.30 23.40 -29.37
CA GLY C 51 0.49 24.66 -30.08
C GLY C 51 0.89 24.47 -31.52
N GLN C 52 1.25 25.57 -32.19
CA GLN C 52 1.57 25.53 -33.61
C GLN C 52 2.90 26.18 -33.96
N SER C 53 3.85 26.14 -33.02
CA SER C 53 5.17 26.70 -33.27
C SER C 53 6.08 25.64 -33.85
N THR C 54 6.72 25.98 -34.96
CA THR C 54 7.60 25.05 -35.66
C THR C 54 9.07 25.46 -35.50
N LYS C 55 9.33 26.36 -34.57
CA LYS C 55 10.67 26.89 -34.35
C LYS C 55 11.62 25.81 -33.83
N PRO C 56 12.86 25.73 -34.38
CA PRO C 56 13.79 24.70 -33.90
C PRO C 56 14.25 24.91 -32.46
N VAL C 57 14.41 23.81 -31.72
CA VAL C 57 14.87 23.88 -30.34
C VAL C 57 15.84 22.77 -30.02
N THR C 58 16.74 23.06 -29.08
CA THR C 58 17.66 22.08 -28.54
C THR C 58 17.23 21.73 -27.12
N VAL C 59 16.95 20.46 -26.87
CA VAL C 59 16.47 20.03 -25.58
C VAL C 59 17.04 18.67 -25.24
N SER C 60 16.70 18.19 -24.07
CA SER C 60 16.81 16.77 -23.78
C SER C 60 15.49 16.33 -23.17
N ASN C 61 15.29 15.02 -23.14
CA ASN C 61 14.16 14.43 -22.46
C ASN C 61 14.59 14.10 -21.04
N ILE C 62 13.98 14.76 -20.06
CA ILE C 62 14.29 14.46 -18.68
C ILE C 62 13.85 13.06 -18.35
N HIS C 63 14.75 12.30 -17.72
CA HIS C 63 14.40 10.97 -17.24
C HIS C 63 13.75 11.05 -15.86
N TYR C 64 12.55 10.49 -15.74
CA TYR C 64 11.86 10.40 -14.46
C TYR C 64 11.81 8.94 -14.04
N SER C 65 11.74 8.71 -12.73
CA SER C 65 11.65 7.36 -12.21
C SER C 65 10.19 6.96 -12.00
N VAL C 66 9.88 5.69 -12.30
CA VAL C 66 8.61 5.13 -11.90
C VAL C 66 8.58 5.11 -10.39
N LEU C 67 7.39 5.13 -9.79
CA LEU C 67 7.28 5.07 -8.33
C LEU C 67 7.68 3.69 -7.84
N ASP C 68 8.19 3.60 -6.61
CA ASP C 68 8.50 2.30 -6.04
C ASP C 68 7.22 1.66 -5.52
N GLY C 69 7.36 0.48 -4.92
CA GLY C 69 6.22 -0.26 -4.41
C GLY C 69 5.42 0.47 -3.34
N TYR C 70 6.05 1.42 -2.63
CA TYR C 70 5.35 2.18 -1.59
C TYR C 70 4.64 3.39 -2.17
N GLY C 71 4.91 3.66 -3.44
CA GLY C 71 4.31 4.79 -4.11
C GLY C 71 5.18 6.03 -4.01
N ARG C 72 6.46 5.83 -3.68
CA ARG C 72 7.39 6.93 -3.45
C ARG C 72 8.07 7.37 -4.75
N SER C 73 8.22 8.67 -4.92
CA SER C 73 8.89 9.18 -6.10
C SER C 73 10.40 8.93 -6.02
N GLY C 74 11.03 8.75 -7.18
CA GLY C 74 12.46 8.48 -7.26
C GLY C 74 13.17 9.57 -8.04
N GLU C 75 14.45 9.34 -8.31
CA GLU C 75 15.31 10.38 -8.86
C GLU C 75 14.94 10.75 -10.29
N ALA C 76 15.29 11.98 -10.67
CA ALA C 76 15.07 12.46 -12.03
C ALA C 76 16.29 13.23 -12.47
N TYR C 77 16.57 13.21 -13.75
CA TYR C 77 17.74 13.94 -14.26
C TYR C 77 17.64 14.19 -15.74
N GLY C 78 18.27 15.28 -16.17
CA GLY C 78 18.31 15.62 -17.57
C GLY C 78 19.35 16.68 -17.83
N ILE C 79 19.39 17.15 -19.07
CA ILE C 79 20.28 18.26 -19.43
C ILE C 79 19.44 19.49 -19.74
N ILE C 80 19.64 20.54 -18.95
CA ILE C 80 18.82 21.73 -19.05
C ILE C 80 19.45 22.69 -20.07
N THR C 81 18.60 23.22 -20.94
CA THR C 81 19.03 24.11 -22.00
C THR C 81 18.23 25.40 -21.97
N LYS C 82 18.81 26.45 -22.53
CA LYS C 82 18.13 27.73 -22.67
C LYS C 82 16.75 27.54 -23.30
N ASP C 83 16.67 26.72 -24.34
CA ASP C 83 15.40 26.53 -25.04
C ASP C 83 14.34 25.90 -24.12
N MET C 84 14.75 25.00 -23.23
CA MET C 84 13.80 24.41 -22.29
C MET C 84 13.31 25.48 -21.33
N ILE C 85 14.23 26.29 -20.83
CA ILE C 85 13.85 27.36 -19.92
C ILE C 85 12.89 28.33 -20.60
N ASP C 86 13.21 28.73 -21.82
CA ASP C 86 12.33 29.65 -22.55
C ASP C 86 10.91 29.11 -22.73
N MET C 87 10.79 27.88 -23.22
CA MET C 87 9.48 27.27 -23.40
C MET C 87 8.72 27.20 -22.07
N SER C 88 9.41 26.79 -21.01
CA SER C 88 8.75 26.65 -19.72
C SER C 88 8.31 28.02 -19.19
N ALA C 89 9.07 29.06 -19.55
CA ALA C 89 8.73 30.42 -19.15
C ALA C 89 7.50 30.94 -19.91
N GLY C 90 7.33 30.47 -21.14
CA GLY C 90 6.28 30.99 -22.01
C GLY C 90 5.00 30.19 -21.96
N TYR C 91 5.12 28.92 -21.59
CA TYR C 91 3.97 28.00 -21.60
C TYR C 91 3.99 27.09 -20.37
N ARG C 92 2.85 27.01 -19.69
CA ARG C 92 2.70 26.11 -18.55
C ARG C 92 1.61 25.09 -18.80
N GLU C 93 1.85 23.85 -18.38
CA GLU C 93 0.83 22.82 -18.49
C GLU C 93 0.15 22.61 -17.15
N LYS C 94 -1.09 22.15 -17.18
CA LYS C 94 -1.84 21.99 -15.96
C LYS C 94 -1.25 20.85 -15.14
N TRP C 95 -1.53 20.83 -13.85
CA TRP C 95 -1.23 19.67 -13.03
C TRP C 95 -1.87 18.43 -13.62
N GLU C 96 -1.08 17.39 -13.85
CA GLU C 96 -1.67 16.12 -14.25
C GLU C 96 -2.46 15.59 -13.05
N SER C 97 -3.55 14.89 -13.33
CA SER C 97 -4.54 14.56 -12.30
C SER C 97 -3.99 13.79 -11.09
N LYS C 98 -4.44 14.19 -9.90
CA LYS C 98 -3.97 13.61 -8.64
C LYS C 98 -2.44 13.52 -8.57
N PRO C 99 -1.75 14.67 -8.59
CA PRO C 99 -0.29 14.62 -8.59
C PRO C 99 0.34 14.42 -7.21
N GLU C 100 -0.47 14.40 -6.14
CA GLU C 100 0.08 14.36 -4.78
C GLU C 100 0.93 13.12 -4.49
N PRO C 101 2.20 13.33 -4.10
CA PRO C 101 3.11 12.18 -3.93
C PRO C 101 2.93 11.45 -2.59
N SER C 102 3.78 10.45 -2.34
CA SER C 102 3.62 9.62 -1.16
C SER C 102 3.66 10.48 0.09
N GLY C 103 2.89 10.07 1.08
CA GLY C 103 2.82 10.77 2.36
C GLY C 103 1.92 11.98 2.36
N TRP C 104 1.29 12.29 1.24
CA TRP C 104 0.48 13.50 1.19
C TRP C 104 -0.78 13.35 2.03
N TYR C 105 -1.31 12.13 2.09
CA TYR C 105 -2.51 11.81 2.86
C TYR C 105 -2.21 10.67 3.81
N SER C 106 -2.99 10.60 4.89
CA SER C 106 -3.06 9.42 5.72
C SER C 106 -4.30 8.61 5.35
N TYR C 107 -4.23 7.30 5.57
CA TYR C 107 -5.34 6.40 5.29
C TYR C 107 -5.62 5.53 6.50
N PHE C 108 -6.91 5.38 6.82
CA PHE C 108 -7.34 4.60 7.98
C PHE C 108 -8.56 3.75 7.63
N PHE C 109 -8.52 2.50 8.09
CA PHE C 109 -9.69 1.63 8.00
C PHE C 109 -10.81 2.19 8.86
N LYS C 110 -11.98 2.37 8.25
CA LYS C 110 -13.11 3.01 8.91
C LYS C 110 -13.65 2.16 10.05
N ASN C 111 -13.47 0.85 9.94
CA ASN C 111 -13.98 -0.09 10.94
C ASN C 111 -13.30 0.07 12.31
N THR C 112 -12.01 0.38 12.32
CA THR C 112 -11.23 0.40 13.55
C THR C 112 -10.41 1.67 13.77
N ASN C 113 -10.26 2.48 12.71
CA ASN C 113 -9.40 3.66 12.75
C ASN C 113 -7.91 3.29 12.78
N GLN C 114 -7.58 2.04 12.48
CA GLN C 114 -6.20 1.61 12.35
C GLN C 114 -5.64 2.09 11.01
N ARG C 115 -4.36 2.44 10.98
CA ARG C 115 -3.77 3.01 9.78
C ARG C 115 -3.79 2.05 8.61
N ALA C 116 -4.17 2.57 7.45
CA ALA C 116 -4.10 1.82 6.19
C ALA C 116 -3.03 2.43 5.29
N THR C 117 -2.95 1.92 4.04
CA THR C 117 -2.01 2.43 3.05
C THR C 117 -2.77 3.04 1.88
N GLU C 118 -2.04 3.71 0.99
CA GLU C 118 -2.65 4.25 -0.22
C GLU C 118 -3.24 3.12 -1.04
N SER C 119 -2.50 2.03 -1.11
CA SER C 119 -2.94 0.85 -1.84
C SER C 119 -4.29 0.35 -1.33
N ASP C 120 -4.42 0.18 -0.02
CA ASP C 120 -5.69 -0.16 0.59
C ASP C 120 -6.79 0.81 0.17
N TYR C 121 -6.50 2.10 0.24
CA TYR C 121 -7.51 3.11 -0.11
C TYR C 121 -7.98 2.93 -1.54
N LYS C 122 -7.05 2.59 -2.42
CA LYS C 122 -7.37 2.42 -3.83
C LYS C 122 -8.27 1.23 -4.05
N HIS C 123 -8.04 0.15 -3.31
CA HIS C 123 -8.83 -1.08 -3.45
C HIS C 123 -10.21 -0.96 -2.81
N SER C 124 -10.35 -0.09 -1.81
CA SER C 124 -11.61 -0.01 -1.05
C SER C 124 -11.86 1.38 -0.45
N PRO C 125 -12.19 2.37 -1.31
CA PRO C 125 -12.49 3.71 -0.84
C PRO C 125 -13.68 3.75 0.10
N LYS C 126 -14.60 2.79 -0.06
CA LYS C 126 -15.78 2.72 0.78
C LYS C 126 -15.41 2.40 2.22
N ASN C 127 -14.36 1.60 2.40
CA ASN C 127 -13.97 1.10 3.72
C ASN C 127 -12.74 1.79 4.30
N VAL C 128 -12.06 2.60 3.48
CA VAL C 128 -10.84 3.29 3.91
C VAL C 128 -11.02 4.80 3.77
N SER C 129 -10.73 5.51 4.84
CA SER C 129 -10.79 6.96 4.85
C SER C 129 -9.50 7.54 4.30
N LYS C 130 -9.61 8.63 3.57
CA LYS C 130 -8.47 9.36 3.05
C LYS C 130 -8.42 10.74 3.65
N ILE C 131 -7.37 11.02 4.43
CA ILE C 131 -7.24 12.28 5.13
C ILE C 131 -5.96 13.00 4.78
N SER C 132 -6.08 14.26 4.35
CA SER C 132 -4.92 15.08 4.05
C SER C 132 -4.03 15.28 5.27
N ASN C 133 -2.73 15.07 5.08
CA ASN C 133 -1.77 15.30 6.12
C ASN C 133 -1.37 16.76 6.18
N ASN C 134 -1.83 17.55 5.22
CA ASN C 134 -1.42 18.93 5.16
C ASN C 134 -2.15 19.81 6.16
N ILE C 135 -1.51 20.94 6.48
CA ILE C 135 -1.95 21.81 7.54
C ILE C 135 -1.48 23.22 7.24
N LYS C 136 -2.26 24.21 7.65
CA LYS C 136 -1.86 25.60 7.50
C LYS C 136 -1.09 26.08 8.71
N ALA C 137 -0.18 27.01 8.50
CA ALA C 137 0.58 27.57 9.59
C ALA C 137 1.08 28.95 9.25
N SER C 138 1.12 29.82 10.26
CA SER C 138 1.66 31.17 10.11
C SER C 138 3.19 31.12 10.21
N ILE C 139 3.78 30.19 9.47
CA ILE C 139 5.21 29.92 9.51
C ILE C 139 6.05 31.17 9.29
N VAL C 146 5.58 36.52 9.17
CA VAL C 146 5.25 35.11 9.32
C VAL C 146 4.23 34.67 8.27
N ARG C 147 4.73 34.03 7.22
CA ARG C 147 3.91 33.54 6.11
C ARG C 147 2.72 32.72 6.59
N ASN C 148 1.53 33.02 6.05
CA ASN C 148 0.31 32.30 6.41
C ASN C 148 -0.20 31.40 5.28
N GLY C 149 0.07 30.09 5.39
CA GLY C 149 -0.33 29.16 4.35
C GLY C 149 -0.01 27.71 4.70
N TYR C 150 -0.07 26.85 3.69
CA TYR C 150 0.15 25.43 3.88
C TYR C 150 1.60 25.09 4.19
N LEU C 151 1.77 24.18 5.16
CA LEU C 151 3.09 23.82 5.65
C LEU C 151 3.84 22.93 4.66
N PHE C 152 3.09 22.19 3.86
CA PHE C 152 3.66 21.26 2.88
C PHE C 152 3.29 21.63 1.45
N ASP C 153 4.24 21.45 0.55
CA ASP C 153 4.09 21.77 -0.87
C ASP C 153 4.25 20.54 -1.76
N ARG C 154 3.62 20.57 -2.92
CA ARG C 154 3.97 19.65 -3.98
C ARG C 154 5.31 20.11 -4.54
N SER C 155 6.39 19.56 -4.01
CA SER C 155 7.72 20.10 -4.24
C SER C 155 8.45 19.40 -5.37
N GLY C 156 8.69 20.12 -6.46
CA GLY C 156 9.30 19.55 -7.65
C GLY C 156 10.72 19.08 -7.47
N LEU C 157 11.04 17.93 -8.07
CA LEU C 157 12.40 17.42 -8.08
C LEU C 157 13.16 18.13 -9.18
N ILE C 158 12.60 18.10 -10.40
CA ILE C 158 13.03 18.98 -11.47
C ILE C 158 12.06 20.16 -11.64
N ALA C 159 12.55 21.38 -11.42
CA ALA C 159 11.70 22.56 -11.38
C ALA C 159 10.97 22.78 -12.69
N ASP C 160 9.74 23.26 -12.62
CA ASP C 160 9.00 23.56 -13.83
C ASP C 160 9.76 24.59 -14.67
N SER C 161 10.48 25.48 -14.01
CA SER C 161 11.24 26.51 -14.72
C SER C 161 12.44 25.97 -15.50
N LEU C 162 12.86 24.76 -15.16
CA LEU C 162 13.95 24.10 -15.86
C LEU C 162 13.42 23.12 -16.90
N GLY C 163 12.09 23.01 -16.99
CA GLY C 163 11.48 22.09 -17.94
C GLY C 163 10.84 20.87 -17.31
N GLY C 164 10.76 20.83 -15.98
CA GLY C 164 10.11 19.75 -15.28
C GLY C 164 8.66 19.52 -15.65
N ARG C 165 8.24 18.27 -15.52
CA ARG C 165 6.88 17.86 -15.84
C ARG C 165 6.01 17.88 -14.60
N PRO C 166 4.82 18.48 -14.68
CA PRO C 166 4.00 18.61 -13.46
C PRO C 166 3.19 17.35 -13.16
N PHE C 167 3.85 16.30 -12.69
CA PHE C 167 3.16 15.08 -12.32
C PHE C 167 3.85 14.41 -11.13
N ARG C 168 3.13 13.50 -10.48
CA ARG C 168 3.55 12.91 -9.20
C ARG C 168 4.98 12.43 -9.15
N ASN C 169 5.43 11.74 -10.20
CA ASN C 169 6.77 11.15 -10.23
C ASN C 169 7.88 12.18 -10.20
N ASN C 170 7.50 13.45 -10.42
CA ASN C 170 8.44 14.56 -10.33
C ASN C 170 8.21 15.42 -9.08
N LEU C 171 7.57 14.84 -8.07
CA LEU C 171 7.26 15.54 -6.83
C LEU C 171 7.59 14.70 -5.62
N ILE C 172 7.89 15.38 -4.52
CA ILE C 172 7.84 14.75 -3.20
C ILE C 172 7.05 15.65 -2.27
N THR C 173 6.65 15.11 -1.12
CA THR C 173 5.88 15.90 -0.18
C THR C 173 6.91 16.65 0.63
N GLY C 174 7.10 17.91 0.27
CA GLY C 174 8.11 18.73 0.91
C GLY C 174 7.51 19.83 1.78
N THR C 175 8.23 20.20 2.82
CA THR C 175 7.89 21.38 3.59
C THR C 175 8.06 22.61 2.72
N ARG C 176 7.42 23.69 3.10
CA ARG C 176 7.52 24.91 2.35
C ARG C 176 8.96 25.40 2.36
N THR C 177 9.67 25.11 3.44
CA THR C 177 11.05 25.55 3.57
C THR C 177 12.00 24.67 2.76
N GLN C 178 11.66 23.39 2.63
CA GLN C 178 12.39 22.50 1.74
C GLN C 178 12.29 23.02 0.30
N ASN C 179 11.11 23.58 0.00
CA ASN C 179 10.79 24.03 -1.33
C ASN C 179 11.47 25.35 -1.69
N VAL C 180 11.48 26.30 -0.77
CA VAL C 180 11.91 27.66 -1.07
C VAL C 180 12.61 28.36 0.09
N GLY C 181 13.07 27.59 1.08
CA GLY C 181 13.67 28.14 2.26
C GLY C 181 12.81 29.22 2.89
N ASN C 182 13.46 30.32 3.29
CA ASN C 182 12.75 31.46 3.85
C ASN C 182 12.20 32.36 2.75
N ASN C 183 12.08 31.79 1.56
CA ASN C 183 11.46 32.46 0.41
C ASN C 183 12.14 33.78 0.06
N ASP C 184 13.35 33.69 -0.47
CA ASP C 184 14.08 34.85 -0.97
C ASP C 184 15.04 34.43 -2.08
N ARG C 185 14.64 33.40 -2.82
CA ARG C 185 15.45 32.87 -3.92
C ARG C 185 16.86 32.50 -3.45
N LYS C 186 16.99 32.24 -2.15
CA LYS C 186 18.29 31.88 -1.56
C LYS C 186 18.18 30.69 -0.62
N GLY C 187 17.11 29.92 -0.76
CA GLY C 187 16.86 28.82 0.15
C GLY C 187 16.11 27.66 -0.46
N GLY C 188 16.21 26.51 0.18
CA GLY C 188 15.53 25.32 -0.28
C GLY C 188 15.98 24.93 -1.67
N MET C 189 15.12 24.21 -2.39
CA MET C 189 15.41 23.80 -3.75
C MET C 189 15.58 25.02 -4.65
N GLN C 190 14.89 26.09 -4.30
CA GLN C 190 14.90 27.32 -5.09
C GLN C 190 16.31 27.91 -5.18
N TYR C 191 17.15 27.61 -4.19
CA TYR C 191 18.54 28.09 -4.22
C TYR C 191 19.29 27.56 -5.45
N ILE C 192 19.29 26.24 -5.60
CA ILE C 192 20.07 25.65 -6.67
C ILE C 192 19.31 25.75 -7.99
N GLU C 193 17.99 25.76 -7.92
CA GLU C 193 17.17 25.93 -9.12
C GLU C 193 17.45 27.28 -9.76
N ASN C 194 17.37 28.33 -8.95
CA ASN C 194 17.58 29.68 -9.46
C ASN C 194 19.01 29.93 -9.89
N LYS C 195 19.96 29.32 -9.20
CA LYS C 195 21.36 29.47 -9.58
C LYS C 195 21.53 28.96 -10.99
N VAL C 196 20.93 27.81 -11.27
CA VAL C 196 21.06 27.17 -12.56
C VAL C 196 20.28 27.98 -13.61
N LEU C 197 19.04 28.31 -13.28
CA LEU C 197 18.19 29.12 -14.12
C LEU C 197 18.84 30.47 -14.51
N ASP C 198 19.30 31.22 -13.51
CA ASP C 198 19.89 32.52 -13.75
C ASP C 198 21.14 32.38 -14.61
N HIS C 199 21.96 31.36 -14.33
CA HIS C 199 23.18 31.16 -15.09
C HIS C 199 22.89 30.85 -16.57
N ILE C 200 21.99 29.92 -16.86
CA ILE C 200 21.64 29.64 -18.25
C ILE C 200 21.01 30.88 -18.90
N LYS C 201 20.11 31.57 -18.22
CA LYS C 201 19.50 32.78 -18.78
C LYS C 201 20.56 33.83 -19.15
N ARG C 202 21.68 33.86 -18.44
CA ARG C 202 22.71 34.87 -18.70
C ARG C 202 23.71 34.37 -19.72
N ASN C 203 23.75 33.06 -19.91
CA ASN C 203 24.73 32.40 -20.79
C ASN C 203 24.04 31.37 -21.67
N PRO C 204 23.35 31.84 -22.72
CA PRO C 204 22.47 30.98 -23.54
C PRO C 204 23.18 29.80 -24.20
N LYS C 205 24.50 29.84 -24.29
CA LYS C 205 25.25 28.75 -24.91
C LYS C 205 25.39 27.56 -23.97
N VAL C 206 25.13 27.81 -22.69
CA VAL C 206 25.45 26.83 -21.64
C VAL C 206 24.30 25.89 -21.36
N HIS C 207 24.62 24.62 -21.18
CA HIS C 207 23.65 23.65 -20.67
C HIS C 207 24.17 23.07 -19.36
N VAL C 208 23.24 22.49 -18.60
CA VAL C 208 23.51 22.07 -17.24
C VAL C 208 22.96 20.66 -16.98
N TYR C 209 23.87 19.73 -16.70
CA TYR C 209 23.53 18.41 -16.22
C TYR C 209 22.96 18.52 -14.81
N TYR C 210 21.74 18.02 -14.64
CA TYR C 210 20.94 18.30 -13.45
C TYR C 210 20.24 17.04 -12.98
N LYS C 211 20.48 16.68 -11.72
CA LYS C 211 19.92 15.47 -11.11
C LYS C 211 19.41 15.78 -9.72
N ALA C 212 18.20 15.32 -9.43
CA ALA C 212 17.58 15.50 -8.12
C ALA C 212 17.16 14.14 -7.61
N THR C 213 17.69 13.76 -6.46
CA THR C 213 17.47 12.43 -5.90
C THR C 213 16.84 12.58 -4.52
N PRO C 214 15.61 12.09 -4.35
CA PRO C 214 15.07 12.12 -3.00
C PRO C 214 15.75 11.06 -2.15
N VAL C 215 16.04 11.39 -0.89
CA VAL C 215 16.71 10.48 0.04
C VAL C 215 15.74 10.04 1.13
N TYR C 216 15.51 8.72 1.20
CA TYR C 216 14.60 8.12 2.18
C TYR C 216 15.39 7.26 3.19
N GLN C 217 14.87 7.18 4.40
CA GLN C 217 15.30 6.17 5.36
C GLN C 217 14.22 5.11 5.44
N GLY C 218 14.62 3.86 5.30
CA GLY C 218 13.71 2.73 5.44
C GLY C 218 12.53 2.82 4.49
N SER C 219 11.35 2.60 5.03
CA SER C 219 10.11 2.64 4.25
C SER C 219 9.40 3.97 4.37
N GLU C 220 10.11 5.01 4.80
CA GLU C 220 9.47 6.29 5.09
C GLU C 220 8.88 6.92 3.84
N LEU C 221 7.67 7.45 3.94
CA LEU C 221 6.97 7.92 2.75
C LEU C 221 7.36 9.34 2.36
N LEU C 222 7.91 10.10 3.30
CA LEU C 222 8.53 11.39 3.01
C LEU C 222 10.05 11.22 2.96
N PRO C 223 10.71 11.92 2.03
CA PRO C 223 12.17 11.89 2.02
C PRO C 223 12.74 12.82 3.10
N ARG C 224 13.90 12.47 3.64
CA ARG C 224 14.56 13.28 4.64
C ARG C 224 15.21 14.48 3.97
N ALA C 225 15.53 14.30 2.70
CA ALA C 225 16.25 15.31 1.97
C ALA C 225 16.12 15.06 0.48
N VAL C 226 16.47 16.06 -0.32
CA VAL C 226 16.63 15.86 -1.76
C VAL C 226 18.05 16.27 -2.09
N LEU C 227 18.78 15.38 -2.77
CA LEU C 227 20.13 15.68 -3.20
C LEU C 227 20.10 16.17 -4.64
N VAL C 228 20.61 17.38 -4.86
CA VAL C 228 20.61 17.97 -6.20
C VAL C 228 22.05 18.15 -6.64
N SER C 229 22.40 17.53 -7.76
CA SER C 229 23.72 17.71 -8.38
C SER C 229 23.58 18.52 -9.66
N ALA C 230 24.47 19.48 -9.87
CA ALA C 230 24.42 20.33 -11.03
C ALA C 230 25.82 20.60 -11.57
N LEU C 231 25.98 20.39 -12.87
CA LEU C 231 27.24 20.61 -13.56
C LEU C 231 26.98 21.37 -14.84
N SER C 232 27.48 22.62 -14.93
CA SER C 232 27.30 23.44 -16.13
C SER C 232 28.38 23.12 -17.15
N SER C 233 28.08 23.39 -18.42
CA SER C 233 28.99 23.06 -19.50
C SER C 233 30.20 24.00 -19.50
N ASP C 234 30.10 25.14 -18.82
CA ASP C 234 31.23 26.08 -18.73
C ASP C 234 31.98 25.93 -17.39
N GLY C 235 31.56 24.99 -16.56
CA GLY C 235 32.25 24.69 -15.32
C GLY C 235 32.00 25.66 -14.18
N PHE C 236 31.15 26.67 -14.39
CA PHE C 236 30.89 27.62 -13.32
C PHE C 236 30.00 27.02 -12.23
N ILE C 237 29.17 26.04 -12.61
CA ILE C 237 28.37 25.30 -11.65
C ILE C 237 28.85 23.87 -11.64
N ASP C 238 29.30 23.43 -10.47
CA ASP C 238 29.82 22.09 -10.28
C ASP C 238 29.63 21.75 -8.80
N GLU C 239 28.40 21.39 -8.42
CA GLU C 239 28.13 21.14 -7.01
C GLU C 239 26.99 20.15 -6.76
N THR C 240 27.06 19.49 -5.61
CA THR C 240 25.94 18.74 -5.06
C THR C 240 25.48 19.44 -3.78
N VAL C 241 24.17 19.63 -3.66
CA VAL C 241 23.59 20.26 -2.48
C VAL C 241 22.59 19.29 -1.86
N ARG C 242 22.63 19.16 -0.53
CA ARG C 242 21.61 18.38 0.17
C ARG C 242 20.54 19.33 0.67
N VAL C 243 19.30 19.18 0.19
CA VAL C 243 18.20 20.05 0.60
C VAL C 243 17.33 19.31 1.61
N PHE C 244 17.22 19.88 2.80
CA PHE C 244 16.62 19.20 3.93
C PHE C 244 15.11 19.31 3.93
N ASN C 245 14.45 18.18 4.14
CA ASN C 245 13.01 18.21 4.22
C ASN C 245 12.61 18.46 5.66
N ASN C 246 12.92 19.68 6.11
CA ASN C 246 12.64 20.13 7.47
C ASN C 246 11.93 21.47 7.43
N VAL C 247 11.39 21.87 8.58
CA VAL C 247 10.88 23.22 8.73
C VAL C 247 10.98 23.56 10.22
N ALA C 248 11.64 24.68 10.51
CA ALA C 248 11.95 25.07 11.87
C ALA C 248 10.70 25.17 12.74
N GLY C 249 10.72 24.48 13.89
CA GLY C 249 9.65 24.61 14.87
C GLY C 249 8.60 23.53 14.78
N PHE C 250 8.72 22.65 13.79
CA PHE C 250 7.81 21.54 13.63
C PHE C 250 8.55 20.22 13.58
N ASN C 251 7.90 19.16 14.04
CA ASN C 251 8.43 17.81 13.93
C ASN C 251 7.64 16.99 12.92
N ILE C 252 8.29 16.67 11.81
CA ILE C 252 7.64 15.94 10.72
C ILE C 252 7.54 14.44 11.01
N ASP C 253 6.39 13.86 10.67
CA ASP C 253 6.26 12.41 10.66
C ASP C 253 6.72 11.92 9.30
N TYR C 254 7.96 11.47 9.22
CA TYR C 254 8.53 11.08 7.93
C TYR C 254 7.93 9.77 7.45
N GLN C 255 7.50 8.93 8.38
CA GLN C 255 6.97 7.63 8.02
C GLN C 255 5.62 7.75 7.30
N ASN C 256 4.69 8.53 7.86
CA ASN C 256 3.33 8.59 7.35
C ASN C 256 2.97 9.91 6.68
N GLY C 257 3.86 10.88 6.77
CA GLY C 257 3.59 12.22 6.29
C GLY C 257 2.85 13.03 7.34
N GLY C 258 2.76 14.34 7.14
CA GLY C 258 2.18 15.23 8.14
C GLY C 258 3.12 15.46 9.31
N LEU C 259 2.59 15.98 10.41
CA LEU C 259 3.38 16.21 11.63
C LEU C 259 3.17 15.10 12.66
N LEU C 260 4.12 14.95 13.58
CA LEU C 260 3.91 14.09 14.74
C LEU C 260 2.75 14.65 15.53
N SER C 261 1.97 13.77 16.14
CA SER C 261 0.90 14.19 17.05
C SER C 261 1.50 14.50 18.42
N SER C 262 1.16 15.66 18.96
CA SER C 262 1.54 16.01 20.32
C SER C 262 0.44 15.47 21.26
N ASN D 13 -0.87 1.01 39.86
CA ASN D 13 -0.07 0.27 38.91
C ASN D 13 -0.82 0.14 37.59
N TRP D 14 -0.11 -0.26 36.54
CA TRP D 14 -0.69 -0.42 35.21
C TRP D 14 -0.48 -1.82 34.65
N SER D 15 -1.46 -2.29 33.86
CA SER D 15 -1.35 -3.57 33.18
C SER D 15 -2.05 -3.50 31.83
N ILE D 16 -1.43 -4.07 30.81
CA ILE D 16 -2.02 -4.13 29.48
C ILE D 16 -3.38 -4.82 29.57
N GLU D 17 -3.50 -5.78 30.48
CA GLU D 17 -4.73 -6.56 30.59
C GLU D 17 -5.87 -5.73 31.17
N GLN D 18 -5.64 -5.10 32.32
CA GLN D 18 -6.68 -4.29 32.94
C GLN D 18 -7.04 -3.08 32.08
N HIS D 19 -6.02 -2.39 31.57
CA HIS D 19 -6.23 -1.17 30.80
C HIS D 19 -5.42 -1.14 29.50
N PRO D 20 -5.95 -1.74 28.43
CA PRO D 20 -5.18 -1.89 27.20
C PRO D 20 -5.06 -0.60 26.41
N ASN D 21 -5.90 0.38 26.73
CA ASN D 21 -5.89 1.68 26.07
C ASN D 21 -5.23 2.77 26.91
N TYR D 22 -4.46 2.34 27.91
CA TYR D 22 -3.59 3.23 28.68
C TYR D 22 -4.34 4.32 29.46
N TYR D 23 -5.61 4.08 29.75
CA TYR D 23 -6.33 4.96 30.67
C TYR D 23 -7.33 4.19 31.53
N HIS D 24 -7.59 4.76 32.71
CA HIS D 24 -8.57 4.23 33.65
C HIS D 24 -9.56 5.33 33.99
N VAL D 25 -10.85 5.02 33.92
CA VAL D 25 -11.87 5.99 34.32
C VAL D 25 -11.95 6.00 35.85
N GLU D 26 -11.72 7.17 36.44
CA GLU D 26 -11.62 7.32 37.89
C GLU D 26 -12.96 7.63 38.54
N GLY D 27 -13.81 8.31 37.80
CA GLY D 27 -15.10 8.72 38.33
C GLY D 27 -15.60 9.93 37.59
N LYS D 28 -16.39 10.74 38.28
CA LYS D 28 -16.93 11.96 37.72
C LYS D 28 -15.82 13.01 37.58
N ALA D 29 -16.17 14.15 36.99
CA ALA D 29 -15.19 15.18 36.67
C ALA D 29 -14.57 15.75 37.95
N GLN D 30 -15.42 16.06 38.91
CA GLN D 30 -14.95 16.63 40.16
C GLN D 30 -14.08 17.85 39.86
N LEU D 31 -14.72 18.89 39.35
CA LEU D 31 -14.05 20.13 38.98
C LEU D 31 -14.57 21.31 39.77
N ASP D 32 -13.68 22.23 40.12
CA ASP D 32 -14.07 23.51 40.70
C ASP D 32 -14.29 24.51 39.58
N ILE D 33 -15.50 24.53 39.05
CA ILE D 33 -15.86 25.39 37.95
C ILE D 33 -15.61 26.86 38.21
N LYS D 34 -15.62 27.27 39.46
CA LYS D 34 -15.40 28.68 39.75
C LYS D 34 -13.91 29.03 39.76
N ASN D 35 -13.04 28.02 39.67
CA ASN D 35 -11.62 28.27 39.52
C ASN D 35 -11.24 28.49 38.06
N PHE D 36 -12.19 28.27 37.17
CA PHE D 36 -11.91 28.33 35.74
C PHE D 36 -12.00 29.75 35.21
N PRO D 37 -11.12 30.10 34.26
CA PRO D 37 -11.25 31.36 33.54
C PRO D 37 -12.53 31.40 32.73
N GLU D 38 -13.32 32.44 32.94
CA GLU D 38 -14.62 32.54 32.32
C GLU D 38 -14.55 32.77 30.82
N LEU D 39 -15.64 32.46 30.14
CA LEU D 39 -15.74 32.71 28.71
C LEU D 39 -15.73 34.20 28.42
N TYR D 40 -15.47 34.56 27.17
CA TYR D 40 -15.61 35.95 26.74
C TYR D 40 -15.60 36.03 25.22
N ARG D 41 -16.09 37.14 24.68
CA ARG D 41 -16.18 37.32 23.24
C ARG D 41 -15.05 38.18 22.67
N THR D 42 -14.61 37.84 21.46
CA THR D 42 -13.62 38.64 20.75
C THR D 42 -13.66 38.24 19.28
N THR D 43 -12.55 38.47 18.57
CA THR D 43 -12.44 38.06 17.17
C THR D 43 -11.29 37.08 16.93
N GLU D 44 -11.29 36.49 15.74
CA GLU D 44 -10.33 35.45 15.39
C GLU D 44 -8.92 36.01 15.35
N ARG D 45 -8.77 37.21 14.81
CA ARG D 45 -7.46 37.82 14.61
C ARG D 45 -6.82 38.24 15.94
N VAL D 46 -7.64 38.74 16.85
CA VAL D 46 -7.15 39.19 18.15
C VAL D 46 -6.71 38.02 19.01
N TYR D 47 -7.53 36.97 19.03
CA TYR D 47 -7.31 35.83 19.91
C TYR D 47 -6.05 35.06 19.54
N LYS D 48 -5.91 34.77 18.24
CA LYS D 48 -4.76 34.03 17.74
C LYS D 48 -3.53 34.92 17.60
N LYS D 49 -3.68 36.20 17.94
CA LYS D 49 -2.58 37.17 17.88
C LYS D 49 -1.98 37.26 16.47
N SER D 50 -2.85 37.43 15.48
CA SER D 50 -2.42 37.50 14.08
C SER D 50 -3.25 38.54 13.33
N THR D 54 -11.39 37.96 11.41
CA THR D 54 -11.97 39.12 12.01
C THR D 54 -13.38 38.86 12.49
N LYS D 55 -13.77 37.60 12.58
CA LYS D 55 -15.10 37.23 13.05
C LYS D 55 -15.17 37.07 14.52
N PRO D 56 -16.45 37.23 14.98
CA PRO D 56 -16.61 37.08 16.40
C PRO D 56 -16.50 35.68 16.87
N VAL D 57 -15.94 35.56 18.05
CA VAL D 57 -15.70 34.25 18.64
C VAL D 57 -15.82 34.31 20.15
N THR D 58 -16.34 33.25 20.75
CA THR D 58 -16.38 33.11 22.20
C THR D 58 -15.33 32.09 22.65
N VAL D 59 -14.52 32.48 23.63
CA VAL D 59 -13.35 31.70 24.02
C VAL D 59 -13.12 31.80 25.53
N SER D 60 -12.14 31.06 26.03
CA SER D 60 -11.60 31.29 27.37
C SER D 60 -10.08 31.31 27.29
N ASN D 61 -9.45 32.00 28.22
CA ASN D 61 -8.00 31.95 28.34
C ASN D 61 -7.59 30.75 29.16
N ILE D 62 -6.93 29.79 28.53
CA ILE D 62 -6.51 28.59 29.23
C ILE D 62 -5.44 28.96 30.24
N HIS D 63 -5.55 28.37 31.41
N HIS D 63 -5.53 28.38 31.41
CA HIS D 63 -4.64 28.57 32.47
CA HIS D 63 -4.65 28.58 32.49
C HIS D 63 -3.53 27.55 32.41
C HIS D 63 -3.55 27.57 32.41
N TYR D 64 -2.30 28.04 32.25
CA TYR D 64 -1.12 27.16 32.27
C TYR D 64 -0.30 27.38 33.52
N SER D 65 0.27 26.32 34.07
CA SER D 65 1.11 26.43 35.25
C SER D 65 2.53 26.88 34.91
N VAL D 66 3.15 27.68 35.77
CA VAL D 66 4.57 27.94 35.63
C VAL D 66 5.28 26.64 35.99
N LEU D 67 6.54 26.49 35.59
CA LEU D 67 7.30 25.30 35.98
C LEU D 67 7.66 25.41 37.47
N ASP D 68 7.77 24.27 38.15
CA ASP D 68 8.17 24.27 39.55
C ASP D 68 9.68 24.42 39.63
N GLY D 69 10.26 24.32 40.82
CA GLY D 69 11.69 24.50 40.99
C GLY D 69 12.55 23.46 40.29
N TYR D 70 11.96 22.31 39.95
CA TYR D 70 12.69 21.26 39.24
C TYR D 70 12.55 21.37 37.73
N GLY D 71 11.76 22.34 37.27
CA GLY D 71 11.51 22.52 35.85
C GLY D 71 10.39 21.66 35.33
N ARG D 72 9.57 21.11 36.23
CA ARG D 72 8.48 20.23 35.85
C ARG D 72 7.20 20.98 35.51
N SER D 73 6.50 20.51 34.49
CA SER D 73 5.24 21.11 34.11
C SER D 73 4.14 20.73 35.07
N GLY D 74 3.19 21.64 35.22
CA GLY D 74 2.06 21.50 36.14
C GLY D 74 0.74 21.51 35.40
N GLU D 75 -0.35 21.50 36.17
CA GLU D 75 -1.68 21.31 35.60
C GLU D 75 -2.06 22.47 34.69
N ALA D 76 -2.88 22.16 33.69
CA ALA D 76 -3.49 23.19 32.85
C ALA D 76 -4.99 22.99 32.83
N TYR D 77 -5.73 24.09 32.77
CA TYR D 77 -7.18 23.98 32.71
C TYR D 77 -7.81 25.19 32.05
N GLY D 78 -8.99 24.98 31.47
CA GLY D 78 -9.71 26.06 30.83
C GLY D 78 -11.04 25.58 30.28
N ILE D 79 -11.77 26.50 29.67
CA ILE D 79 -13.07 26.17 29.07
C ILE D 79 -12.94 26.07 27.55
N ILE D 80 -13.24 24.90 27.02
CA ILE D 80 -13.06 24.63 25.60
C ILE D 80 -14.37 24.91 24.89
N THR D 81 -14.28 25.66 23.81
CA THR D 81 -15.45 26.09 23.04
C THR D 81 -15.34 25.65 21.59
N LYS D 82 -16.47 25.73 20.89
CA LYS D 82 -16.50 25.40 19.48
C LYS D 82 -15.56 26.32 18.70
N ASP D 83 -15.58 27.61 19.02
CA ASP D 83 -14.74 28.56 18.31
C ASP D 83 -13.27 28.21 18.48
N MET D 84 -12.89 27.80 19.68
CA MET D 84 -11.50 27.45 19.96
C MET D 84 -11.06 26.28 19.08
N ILE D 85 -11.90 25.27 18.98
CA ILE D 85 -11.58 24.10 18.16
C ILE D 85 -11.48 24.51 16.70
N ASP D 86 -12.45 25.30 16.23
CA ASP D 86 -12.47 25.70 14.83
C ASP D 86 -11.19 26.44 14.41
N MET D 87 -10.71 27.34 15.26
CA MET D 87 -9.53 28.13 14.93
C MET D 87 -8.25 27.30 14.90
N SER D 88 -8.25 26.14 15.55
CA SER D 88 -7.11 25.25 15.57
C SER D 88 -7.21 24.11 14.54
N ALA D 89 -8.40 23.95 13.98
CA ALA D 89 -8.73 22.75 13.20
C ALA D 89 -7.77 22.46 12.05
N GLY D 90 -7.70 23.35 11.08
CA GLY D 90 -6.89 23.13 9.90
C GLY D 90 -5.44 23.56 10.06
N TYR D 91 -5.07 23.87 11.31
CA TYR D 91 -3.81 24.55 11.60
C TYR D 91 -2.95 23.79 12.59
N ARG D 92 -1.65 24.04 12.54
CA ARG D 92 -0.73 23.70 13.62
C ARG D 92 0.19 24.90 13.82
N GLU D 93 0.71 25.06 15.03
CA GLU D 93 1.60 26.16 15.34
C GLU D 93 3.01 25.63 15.60
N LYS D 94 4.01 26.46 15.30
CA LYS D 94 5.37 26.07 15.58
C LYS D 94 5.55 25.98 17.08
N TRP D 95 6.48 25.13 17.51
CA TRP D 95 6.85 25.06 18.91
C TRP D 95 7.54 26.35 19.28
N GLU D 96 7.14 26.93 20.41
CA GLU D 96 7.92 27.99 21.01
C GLU D 96 9.26 27.39 21.42
N SER D 97 10.31 28.21 21.40
CA SER D 97 11.69 27.77 21.63
C SER D 97 11.87 26.76 22.74
N LYS D 98 12.45 25.60 22.42
CA LYS D 98 12.80 24.59 23.41
C LYS D 98 11.59 24.13 24.22
N PRO D 99 10.64 23.46 23.54
CA PRO D 99 9.42 22.97 24.19
C PRO D 99 9.66 21.75 25.07
N GLU D 100 10.81 21.09 24.95
CA GLU D 100 11.00 19.78 25.59
C GLU D 100 10.89 19.87 27.12
N PRO D 101 9.92 19.15 27.69
CA PRO D 101 9.72 19.26 29.14
C PRO D 101 10.68 18.43 29.96
N SER D 102 10.46 18.41 31.27
CA SER D 102 11.42 17.85 32.20
C SER D 102 11.58 16.35 31.95
N GLY D 103 12.81 15.89 32.07
CA GLY D 103 13.14 14.48 31.85
C GLY D 103 13.42 14.14 30.40
N TRP D 104 13.33 15.13 29.52
CA TRP D 104 13.54 14.85 28.11
C TRP D 104 14.99 14.53 27.87
N TYR D 105 15.84 15.27 28.57
CA TYR D 105 17.28 15.14 28.47
C TYR D 105 17.85 14.75 29.81
N SER D 106 18.99 14.07 29.80
CA SER D 106 19.80 13.88 30.99
C SER D 106 20.97 14.82 30.83
N TYR D 107 21.53 15.29 31.94
CA TYR D 107 22.65 16.23 31.90
C TYR D 107 23.84 15.70 32.68
N PHE D 108 25.05 15.89 32.15
CA PHE D 108 26.26 15.43 32.83
C PHE D 108 27.36 16.50 32.73
N PHE D 109 28.10 16.65 33.81
CA PHE D 109 29.24 17.56 33.82
C PHE D 109 30.31 17.10 32.86
N LYS D 110 30.75 18.01 32.00
CA LYS D 110 31.74 17.69 30.98
C LYS D 110 33.05 17.18 31.59
N ASN D 111 33.39 17.70 32.76
CA ASN D 111 34.67 17.35 33.39
C ASN D 111 34.61 16.05 34.20
N THR D 112 33.52 15.86 34.95
CA THR D 112 33.43 14.74 35.90
C THR D 112 32.59 13.56 35.41
N ASN D 113 31.77 13.80 34.40
CA ASN D 113 30.87 12.77 33.86
C ASN D 113 29.82 12.30 34.87
N GLN D 114 29.72 13.00 36.00
CA GLN D 114 28.69 12.73 36.99
C GLN D 114 27.42 13.49 36.62
N ARG D 115 26.26 12.97 37.02
CA ARG D 115 24.99 13.53 36.58
C ARG D 115 24.80 14.97 37.03
N ALA D 116 24.16 15.75 36.16
CA ALA D 116 23.85 17.16 36.44
C ALA D 116 22.35 17.37 36.33
N THR D 117 21.94 18.62 36.51
CA THR D 117 20.53 19.01 36.42
C THR D 117 20.34 19.96 35.24
N GLU D 118 19.10 20.20 34.85
CA GLU D 118 18.85 21.19 33.81
C GLU D 118 19.31 22.54 34.30
N SER D 119 19.16 22.77 35.60
CA SER D 119 19.56 24.03 36.22
C SER D 119 21.05 24.27 36.00
N ASP D 120 21.86 23.24 36.24
CA ASP D 120 23.28 23.34 35.96
C ASP D 120 23.53 23.65 34.49
N TYR D 121 22.80 22.97 33.62
CA TYR D 121 23.01 23.15 32.19
C TYR D 121 22.65 24.56 31.75
N LYS D 122 21.55 25.09 32.27
CA LYS D 122 21.16 26.45 31.91
C LYS D 122 22.24 27.41 32.39
N HIS D 123 22.84 27.11 33.53
CA HIS D 123 23.86 27.99 34.10
C HIS D 123 25.14 27.99 33.28
N SER D 124 25.62 26.80 32.88
CA SER D 124 26.85 26.70 32.11
C SER D 124 26.84 25.54 31.13
N PRO D 125 26.26 25.74 29.94
CA PRO D 125 26.27 24.70 28.91
C PRO D 125 27.67 24.36 28.43
N LYS D 126 28.62 25.24 28.71
CA LYS D 126 30.01 24.99 28.35
C LYS D 126 30.58 23.82 29.15
N ASN D 127 30.07 23.64 30.37
CA ASN D 127 30.62 22.63 31.29
C ASN D 127 29.67 21.46 31.54
N VAL D 128 28.48 21.50 30.93
CA VAL D 128 27.50 20.43 31.12
C VAL D 128 26.97 19.93 29.80
N SER D 129 27.00 18.61 29.62
CA SER D 129 26.48 17.98 28.43
C SER D 129 25.00 17.69 28.59
N LYS D 130 24.26 17.89 27.50
CA LYS D 130 22.83 17.59 27.46
C LYS D 130 22.61 16.44 26.49
N ILE D 131 22.01 15.36 26.98
CA ILE D 131 21.82 14.14 26.19
C ILE D 131 20.36 13.72 26.13
N SER D 132 19.84 13.45 24.93
CA SER D 132 18.44 13.06 24.78
C SER D 132 18.22 11.70 25.41
N ASN D 133 17.14 11.60 26.18
CA ASN D 133 16.75 10.36 26.83
C ASN D 133 15.89 9.52 25.91
N ASN D 134 15.55 10.05 24.74
CA ASN D 134 14.66 9.34 23.84
C ASN D 134 15.39 8.18 23.19
N ILE D 135 14.64 7.15 22.83
CA ILE D 135 15.18 5.93 22.26
C ILE D 135 14.10 5.33 21.39
N LYS D 136 14.50 4.64 20.32
CA LYS D 136 13.54 3.99 19.45
C LYS D 136 13.19 2.58 19.93
N ALA D 137 12.02 2.11 19.56
CA ALA D 137 11.60 0.76 19.90
C ALA D 137 10.38 0.35 19.11
N SER D 138 10.04 -0.93 19.18
CA SER D 138 8.82 -1.46 18.62
C SER D 138 7.86 -1.78 19.75
N ILE D 139 6.74 -1.08 19.79
CA ILE D 139 5.75 -1.25 20.84
C ILE D 139 4.72 -2.26 20.40
N LEU D 140 4.38 -3.18 21.29
CA LEU D 140 3.38 -4.19 20.99
C LEU D 140 1.99 -3.74 21.44
N LEU D 141 1.07 -3.60 20.50
CA LEU D 141 -0.22 -2.96 20.76
C LEU D 141 -1.33 -3.94 21.09
N SER D 142 -2.36 -3.43 21.79
CA SER D 142 -3.50 -4.23 22.23
C SER D 142 -4.21 -4.92 21.07
N ASN D 143 -4.25 -4.26 19.92
CA ASN D 143 -5.03 -4.75 18.78
C ASN D 143 -4.23 -5.64 17.83
N GLY D 144 -3.02 -6.03 18.26
CA GLY D 144 -2.17 -6.89 17.46
C GLY D 144 -1.10 -6.14 16.68
N ASN D 145 -1.40 -4.91 16.30
CA ASN D 145 -0.44 -4.10 15.54
C ASN D 145 0.85 -3.82 16.31
N VAL D 146 1.82 -3.25 15.61
CA VAL D 146 3.11 -2.91 16.18
C VAL D 146 3.50 -1.53 15.69
N ARG D 147 3.90 -0.66 16.62
CA ARG D 147 4.32 0.70 16.29
C ARG D 147 5.82 0.88 16.54
N ASN D 148 6.54 1.21 15.47
CA ASN D 148 7.98 1.44 15.53
C ASN D 148 8.31 2.94 15.55
N GLY D 149 9.35 3.32 16.29
CA GLY D 149 9.75 4.71 16.39
C GLY D 149 10.12 5.12 17.81
N TYR D 150 10.22 6.42 18.05
CA TYR D 150 10.66 6.89 19.37
C TYR D 150 9.63 6.55 20.43
N LEU D 151 10.10 6.12 21.59
CA LEU D 151 9.21 5.77 22.69
C LEU D 151 8.57 6.99 23.34
N PHE D 152 9.28 8.11 23.36
CA PHE D 152 8.80 9.30 24.06
C PHE D 152 8.31 10.40 23.11
N ASP D 153 7.23 11.05 23.53
CA ASP D 153 6.56 12.09 22.79
C ASP D 153 6.52 13.38 23.61
N ARG D 154 6.58 14.51 22.92
CA ARG D 154 6.18 15.77 23.52
C ARG D 154 4.66 15.69 23.67
N SER D 155 4.18 15.37 24.86
CA SER D 155 2.77 15.02 25.05
C SER D 155 1.98 16.16 25.67
N GLY D 156 1.07 16.74 24.89
CA GLY D 156 0.28 17.88 25.33
C GLY D 156 -0.61 17.60 26.52
N LEU D 157 -0.74 18.57 27.41
CA LEU D 157 -1.71 18.45 28.52
C LEU D 157 -3.08 18.87 28.00
N ILE D 158 -3.11 20.04 27.38
CA ILE D 158 -4.27 20.52 26.64
C ILE D 158 -3.94 20.39 25.16
N ALA D 159 -4.64 19.51 24.47
CA ALA D 159 -4.35 19.17 23.07
C ALA D 159 -4.38 20.39 22.16
N ASP D 160 -3.51 20.40 21.15
CA ASP D 160 -3.58 21.42 20.09
C ASP D 160 -4.99 21.58 19.54
N SER D 161 -5.66 20.46 19.32
CA SER D 161 -6.97 20.42 18.68
C SER D 161 -8.05 21.12 19.52
N LEU D 162 -7.80 21.25 20.82
CA LEU D 162 -8.75 21.87 21.74
C LEU D 162 -8.36 23.31 22.05
N GLY D 163 -7.26 23.76 21.46
CA GLY D 163 -6.86 25.15 21.54
C GLY D 163 -5.62 25.33 22.39
N GLY D 164 -4.96 24.22 22.72
CA GLY D 164 -3.76 24.26 23.53
C GLY D 164 -2.58 24.96 22.88
N ARG D 165 -1.71 25.51 23.72
CA ARG D 165 -0.59 26.33 23.28
C ARG D 165 0.65 25.47 23.10
N PRO D 166 1.38 25.67 22.00
CA PRO D 166 2.53 24.79 21.74
C PRO D 166 3.79 25.22 22.50
N PHE D 167 3.83 24.98 23.81
CA PHE D 167 5.02 25.33 24.57
C PHE D 167 5.19 24.39 25.77
N ARG D 168 6.41 24.40 26.30
CA ARG D 168 6.84 23.43 27.30
C ARG D 168 5.87 23.27 28.46
N ASN D 169 5.33 24.39 28.93
CA ASN D 169 4.48 24.38 30.10
C ASN D 169 3.21 23.58 29.85
N ASN D 170 2.90 23.34 28.57
CA ASN D 170 1.72 22.58 28.17
C ASN D 170 2.09 21.17 27.73
N LEU D 171 3.30 20.75 28.08
CA LEU D 171 3.82 19.42 27.74
C LEU D 171 4.36 18.65 28.94
N ILE D 172 4.24 17.33 28.87
CA ILE D 172 5.10 16.46 29.66
C ILE D 172 5.77 15.43 28.77
N THR D 173 6.83 14.84 29.29
CA THR D 173 7.52 13.77 28.61
C THR D 173 6.68 12.52 28.74
N GLY D 174 5.89 12.22 27.72
CA GLY D 174 5.00 11.06 27.77
C GLY D 174 5.39 10.02 26.75
N THR D 175 5.12 8.75 27.06
CA THR D 175 5.28 7.68 26.09
C THR D 175 4.32 7.85 24.93
N ARG D 176 4.67 7.22 23.81
CA ARG D 176 3.80 7.21 22.63
C ARG D 176 2.40 6.76 23.03
N THR D 177 2.33 5.76 23.88
CA THR D 177 1.05 5.18 24.25
C THR D 177 0.31 6.05 25.27
N GLN D 178 1.03 6.69 26.19
CA GLN D 178 0.43 7.73 27.00
C GLN D 178 -0.23 8.79 26.12
N ASN D 179 0.45 9.13 25.04
CA ASN D 179 -0.01 10.18 24.16
C ASN D 179 -1.23 9.77 23.32
N VAL D 180 -1.15 8.64 22.64
CA VAL D 180 -2.19 8.24 21.69
C VAL D 180 -2.69 6.79 21.79
N GLY D 181 -2.27 6.07 22.82
CA GLY D 181 -2.60 4.67 22.92
C GLY D 181 -2.23 3.92 21.64
N ASN D 182 -3.21 3.30 21.00
CA ASN D 182 -3.00 2.62 19.72
C ASN D 182 -3.21 3.53 18.50
N ASN D 183 -3.40 4.82 18.76
CA ASN D 183 -3.68 5.81 17.72
C ASN D 183 -4.90 5.41 16.91
N ASP D 184 -5.99 5.09 17.60
CA ASP D 184 -7.25 4.72 16.97
C ASP D 184 -8.41 5.52 17.55
N ARG D 185 -8.11 6.71 18.07
CA ARG D 185 -9.08 7.57 18.74
C ARG D 185 -9.70 6.92 19.99
N LYS D 186 -9.07 5.87 20.51
CA LYS D 186 -9.62 5.12 21.64
C LYS D 186 -8.72 5.06 22.87
N GLY D 187 -7.52 5.61 22.79
CA GLY D 187 -6.52 5.38 23.82
C GLY D 187 -5.64 6.57 24.15
N GLY D 188 -5.01 6.50 25.32
CA GLY D 188 -4.14 7.55 25.79
C GLY D 188 -4.90 8.84 25.95
N MET D 189 -4.19 9.96 26.00
CA MET D 189 -4.80 11.29 26.01
C MET D 189 -5.82 11.47 24.89
N GLN D 190 -5.55 10.82 23.75
CA GLN D 190 -6.40 10.93 22.57
C GLN D 190 -7.83 10.46 22.83
N TYR D 191 -8.01 9.51 23.75
CA TYR D 191 -9.36 9.05 24.09
C TYR D 191 -10.25 10.19 24.57
N ILE D 192 -9.83 10.88 25.63
CA ILE D 192 -10.67 11.91 26.22
C ILE D 192 -10.63 13.17 25.36
N GLU D 193 -9.53 13.38 24.66
CA GLU D 193 -9.40 14.54 23.78
C GLU D 193 -10.41 14.42 22.64
N ASN D 194 -10.45 13.24 22.02
CA ASN D 194 -11.41 12.99 20.94
C ASN D 194 -12.86 12.97 21.44
N LYS D 195 -13.10 12.45 22.64
CA LYS D 195 -14.44 12.45 23.22
C LYS D 195 -14.96 13.88 23.36
N VAL D 196 -14.10 14.75 23.87
CA VAL D 196 -14.46 16.15 24.07
C VAL D 196 -14.59 16.88 22.73
N LEU D 197 -13.67 16.59 21.82
CA LEU D 197 -13.66 17.22 20.52
C LEU D 197 -14.95 16.92 19.78
N ASP D 198 -15.30 15.64 19.72
CA ASP D 198 -16.48 15.21 18.98
C ASP D 198 -17.78 15.75 19.56
N HIS D 199 -17.89 15.73 20.88
CA HIS D 199 -19.13 16.18 21.52
C HIS D 199 -19.38 17.65 21.27
N ILE D 200 -18.32 18.46 21.31
CA ILE D 200 -18.47 19.88 21.03
C ILE D 200 -18.79 20.12 19.55
N LYS D 201 -18.15 19.37 18.67
CA LYS D 201 -18.38 19.53 17.24
C LYS D 201 -19.80 19.10 16.88
N ARG D 202 -20.34 18.15 17.62
CA ARG D 202 -21.71 17.67 17.40
C ARG D 202 -22.74 18.57 18.09
N ASN D 203 -22.28 19.31 19.09
CA ASN D 203 -23.14 20.17 19.89
C ASN D 203 -22.52 21.57 20.06
N PRO D 204 -22.54 22.38 18.99
CA PRO D 204 -21.82 23.66 18.87
C PRO D 204 -22.07 24.66 20.00
N LYS D 205 -23.19 24.54 20.70
CA LYS D 205 -23.51 25.47 21.79
C LYS D 205 -22.81 25.05 23.08
N VAL D 206 -22.30 23.82 23.11
CA VAL D 206 -21.75 23.23 24.33
C VAL D 206 -20.26 23.56 24.51
N HIS D 207 -19.85 23.86 25.74
CA HIS D 207 -18.45 24.04 26.08
C HIS D 207 -18.04 23.07 27.19
N VAL D 208 -16.74 22.83 27.33
CA VAL D 208 -16.25 21.78 28.22
C VAL D 208 -15.16 22.30 29.16
N TYR D 209 -15.45 22.23 30.46
CA TYR D 209 -14.47 22.49 31.49
C TYR D 209 -13.45 21.36 31.51
N TYR D 210 -12.21 21.71 31.18
CA TYR D 210 -11.18 20.74 30.85
C TYR D 210 -9.92 20.98 31.67
N LYS D 211 -9.47 19.95 32.39
CA LYS D 211 -8.29 20.05 33.23
C LYS D 211 -7.40 18.85 32.99
N ALA D 212 -6.12 19.10 32.76
CA ALA D 212 -5.10 18.05 32.65
C ALA D 212 -4.06 18.25 33.74
N THR D 213 -3.93 17.28 34.63
CA THR D 213 -3.01 17.40 35.76
C THR D 213 -1.98 16.28 35.73
N PRO D 214 -0.72 16.63 35.47
CA PRO D 214 0.30 15.60 35.58
C PRO D 214 0.51 15.26 37.06
N VAL D 215 0.62 13.98 37.40
CA VAL D 215 0.89 13.61 38.79
C VAL D 215 2.27 12.98 38.91
N TYR D 216 3.04 13.52 39.84
CA TYR D 216 4.42 13.10 40.07
C TYR D 216 4.52 12.41 41.43
N GLN D 217 5.55 11.57 41.58
CA GLN D 217 5.94 11.08 42.89
C GLN D 217 7.25 11.74 43.24
N GLY D 218 7.33 12.30 44.45
CA GLY D 218 8.54 12.94 44.92
C GLY D 218 9.04 14.03 43.97
N SER D 219 10.30 13.94 43.62
CA SER D 219 10.93 14.87 42.72
C SER D 219 11.18 14.24 41.35
N GLU D 220 10.41 13.20 41.02
CA GLU D 220 10.54 12.54 39.73
C GLU D 220 10.22 13.53 38.61
N LEU D 221 11.04 13.54 37.57
CA LEU D 221 10.89 14.53 36.51
C LEU D 221 9.86 14.17 35.45
N LEU D 222 9.49 12.89 35.38
CA LEU D 222 8.39 12.44 34.51
C LEU D 222 7.19 12.12 35.37
N PRO D 223 5.99 12.53 34.95
CA PRO D 223 4.81 12.14 35.69
C PRO D 223 4.51 10.65 35.51
N ARG D 224 3.87 10.04 36.51
CA ARG D 224 3.45 8.65 36.42
C ARG D 224 2.19 8.54 35.58
N ALA D 225 1.46 9.63 35.53
CA ALA D 225 0.18 9.66 34.84
C ALA D 225 -0.25 11.12 34.67
N VAL D 226 -1.26 11.32 33.83
CA VAL D 226 -1.94 12.61 33.76
C VAL D 226 -3.42 12.40 34.03
N LEU D 227 -3.96 13.16 34.97
CA LEU D 227 -5.38 13.09 35.30
C LEU D 227 -6.12 14.12 34.47
N VAL D 228 -7.01 13.66 33.59
CA VAL D 228 -7.78 14.56 32.74
C VAL D 228 -9.24 14.56 33.20
N SER D 229 -9.71 15.73 33.64
CA SER D 229 -11.09 15.90 34.07
C SER D 229 -11.84 16.73 33.05
N ALA D 230 -13.01 16.25 32.63
CA ALA D 230 -13.78 16.97 31.63
C ALA D 230 -15.26 17.01 32.03
N LEU D 231 -15.84 18.20 31.96
CA LEU D 231 -17.26 18.39 32.28
C LEU D 231 -17.92 19.25 31.22
N SER D 232 -18.87 18.66 30.51
CA SER D 232 -19.58 19.37 29.46
CA SER D 232 -19.60 19.34 29.46
C SER D 232 -20.70 20.21 30.07
N SER D 233 -20.98 21.34 29.44
CA SER D 233 -21.97 22.27 29.95
C SER D 233 -23.39 21.70 29.86
N ASP D 234 -23.54 20.59 29.13
CA ASP D 234 -24.82 19.87 29.07
C ASP D 234 -24.80 18.61 29.95
N GLY D 235 -23.70 18.39 30.64
CA GLY D 235 -23.61 17.32 31.64
C GLY D 235 -23.29 15.94 31.11
N PHE D 236 -23.31 15.76 29.79
CA PHE D 236 -23.14 14.42 29.24
C PHE D 236 -21.69 13.92 29.28
N ILE D 237 -20.74 14.84 29.35
CA ILE D 237 -19.39 14.45 29.71
C ILE D 237 -19.14 14.92 31.13
N ASP D 238 -18.81 13.97 31.99
CA ASP D 238 -18.59 14.24 33.40
C ASP D 238 -17.72 13.11 33.92
N GLU D 239 -16.43 13.18 33.63
CA GLU D 239 -15.54 12.11 34.02
C GLU D 239 -14.13 12.60 34.28
N THR D 240 -13.40 11.81 35.07
CA THR D 240 -11.97 11.95 35.22
C THR D 240 -11.32 10.66 34.78
N VAL D 241 -10.34 10.75 33.90
CA VAL D 241 -9.56 9.59 33.49
C VAL D 241 -8.10 9.76 33.90
N ARG D 242 -7.53 8.66 34.38
CA ARG D 242 -6.10 8.58 34.68
C ARG D 242 -5.42 7.96 33.48
N VAL D 243 -4.70 8.78 32.73
CA VAL D 243 -3.97 8.31 31.55
C VAL D 243 -2.56 7.96 31.99
N PHE D 244 -2.20 6.69 31.81
CA PHE D 244 -0.95 6.15 32.35
C PHE D 244 0.28 6.47 31.51
N ASN D 245 1.31 7.04 32.12
CA ASN D 245 2.57 7.22 31.44
C ASN D 245 3.35 5.91 31.51
N ASN D 246 2.92 4.96 30.70
CA ASN D 246 3.55 3.65 30.61
C ASN D 246 3.67 3.21 29.15
N VAL D 247 4.45 2.17 28.93
CA VAL D 247 4.48 1.53 27.63
C VAL D 247 4.79 0.05 27.86
N ALA D 248 3.97 -0.80 27.23
CA ALA D 248 4.08 -2.24 27.38
C ALA D 248 5.49 -2.75 27.04
N GLY D 249 6.08 -3.49 27.97
CA GLY D 249 7.33 -4.18 27.72
C GLY D 249 8.55 -3.45 28.26
N PHE D 250 8.35 -2.21 28.72
CA PHE D 250 9.44 -1.36 29.20
C PHE D 250 9.19 -0.80 30.61
N ASN D 251 10.29 -0.50 31.29
CA ASN D 251 10.25 0.19 32.57
C ASN D 251 10.89 1.57 32.44
N ILE D 252 10.10 2.59 32.78
CA ILE D 252 10.50 3.98 32.61
C ILE D 252 11.26 4.47 33.85
N ASP D 253 12.35 5.20 33.63
CA ASP D 253 13.01 5.91 34.72
C ASP D 253 12.25 7.20 34.98
N TYR D 254 11.30 7.19 35.90
CA TYR D 254 10.51 8.40 36.15
C TYR D 254 11.32 9.48 36.83
N GLN D 255 12.39 9.07 37.51
CA GLN D 255 13.22 10.04 38.22
C GLN D 255 13.98 10.94 37.24
N ASN D 256 14.71 10.32 36.32
CA ASN D 256 15.62 11.04 35.44
C ASN D 256 15.17 11.18 34.00
N GLY D 257 14.16 10.40 33.62
CA GLY D 257 13.72 10.32 32.25
C GLY D 257 14.36 9.14 31.57
N GLY D 258 13.83 8.75 30.41
CA GLY D 258 14.33 7.59 29.70
C GLY D 258 13.90 6.27 30.34
N LEU D 259 14.62 5.21 30.01
CA LEU D 259 14.34 3.87 30.53
C LEU D 259 15.24 3.56 31.72
N LEU D 260 14.77 2.76 32.67
CA LEU D 260 15.64 2.32 33.77
C LEU D 260 16.75 1.48 33.17
N SER D 261 17.93 1.56 33.77
CA SER D 261 19.05 0.73 33.33
C SER D 261 19.07 -0.57 34.13
N SER D 262 19.21 -1.69 33.43
CA SER D 262 19.37 -2.97 34.10
C SER D 262 20.81 -3.11 34.56
#